data_6B5F
#
_entry.id   6B5F
#
_cell.length_a   72.155
_cell.length_b   73.875
_cell.length_c   119.000
_cell.angle_alpha   90.00
_cell.angle_beta   90.00
_cell.angle_gamma   90.00
#
_symmetry.space_group_name_H-M   'P 21 21 21'
#
loop_
_entity.id
_entity.type
_entity.pdbx_description
1 polymer 'Nicotinate-nucleotide--dimethylbenzimidazole phosphoribosyltransferase'
2 non-polymer 'SULFATE ION'
3 non-polymer 'CHLORIDE ION'
4 non-polymer GLYCEROL
5 water water
#
_entity_poly.entity_id   1
_entity_poly.type   'polypeptide(L)'
_entity_poly.pdbx_seq_one_letter_code
;QGMQTLSSILRTIAPLDSKAMARATTRLDGLLKPQGSLGRLEQLAIQLAGMRGLYGHQVDRKQIIVMAADHGVYDEGVAI
SPRVVTMVQALNMVRGVTGVCVLAANAGAEVKIVDVGIDSDTLPGVIDMKVARGSGNIARGAAMTRQQAEDLLIASATLT
LQQAAGGVKVFGVGELGMANTTPAAAMVSVFTDSDPELAVGIGANFPSEQLHHKVAVVRRAIETNQPDASDGIDVLAKVG
GFDLVGMTGVMLGAAAAGLPVVLDGFLSYASALAACRIEAKVRDYLIPSHLSAEKGAVIALNHLQLEPYLQMGMRLGEGS
GAALAMHLVDAACAMYNNMGSLAESNIELPGCVN
;
_entity_poly.pdbx_strand_id   A,B
#
# COMPACT_ATOMS: atom_id res chain seq x y z
N GLN A 1 5.98 14.08 40.73
CA GLN A 1 5.08 15.20 40.47
C GLN A 1 5.20 15.69 39.03
N GLY A 2 6.44 15.76 38.52
CA GLY A 2 6.67 16.36 37.21
C GLY A 2 5.90 15.67 36.10
N MET A 3 6.01 14.36 36.02
CA MET A 3 5.32 13.57 35.01
C MET A 3 4.47 12.50 35.67
N GLN A 4 3.54 11.95 34.89
CA GLN A 4 2.78 10.80 35.34
C GLN A 4 3.69 9.58 35.49
N THR A 5 3.33 8.69 36.41
CA THR A 5 4.05 7.43 36.48
C THR A 5 3.74 6.57 35.26
N LEU A 6 4.63 5.62 34.97
CA LEU A 6 4.37 4.70 33.88
C LEU A 6 3.08 3.92 34.13
N SER A 7 2.91 3.40 35.34
CA SER A 7 1.70 2.65 35.67
C SER A 7 0.45 3.47 35.39
N SER A 8 0.45 4.74 35.77
CA SER A 8 -0.74 5.57 35.56
C SER A 8 -1.02 5.76 34.08
N ILE A 9 0.02 5.99 33.27
CA ILE A 9 -0.20 6.14 31.83
C ILE A 9 -0.77 4.87 31.24
N LEU A 10 -0.19 3.72 31.61
CA LEU A 10 -0.67 2.45 31.08
C LEU A 10 -2.14 2.22 31.38
N ARG A 11 -2.57 2.55 32.60
CA ARG A 11 -3.96 2.33 32.97
C ARG A 11 -4.94 3.22 32.21
N THR A 12 -4.47 4.26 31.50
CA THR A 12 -5.36 5.07 30.68
C THR A 12 -5.54 4.51 29.28
N ILE A 13 -4.85 3.43 28.94
CA ILE A 13 -5.01 2.81 27.63
C ILE A 13 -6.29 1.99 27.67
N ALA A 14 -7.29 2.40 26.91
CA ALA A 14 -8.60 1.76 26.94
C ALA A 14 -8.75 0.78 25.79
N PRO A 15 -9.55 -0.28 25.97
CA PRO A 15 -9.96 -1.08 24.81
C PRO A 15 -10.73 -0.21 23.83
N LEU A 16 -10.75 -0.63 22.56
CA LEU A 16 -11.47 0.14 21.56
C LEU A 16 -12.95 0.21 21.91
N ASP A 17 -13.56 1.33 21.53
CA ASP A 17 -14.99 1.57 21.68
C ASP A 17 -15.80 0.61 20.81
N SER A 18 -16.21 -0.52 21.37
CA SER A 18 -16.90 -1.54 20.58
C SER A 18 -18.25 -1.06 20.06
N LYS A 19 -18.95 -0.23 20.83
CA LYS A 19 -20.22 0.29 20.36
C LYS A 19 -20.03 1.21 19.15
N ALA A 20 -19.02 2.08 19.21
CA ALA A 20 -18.69 2.91 18.04
C ALA A 20 -18.38 2.05 16.83
N MET A 21 -17.60 0.99 17.02
CA MET A 21 -17.24 0.14 15.88
C MET A 21 -18.48 -0.53 15.29
N ALA A 22 -19.44 -0.92 16.13
CA ALA A 22 -20.65 -1.53 15.61
C ALA A 22 -21.46 -0.53 14.77
N ARG A 23 -21.58 0.71 15.23
CA ARG A 23 -22.26 1.72 14.43
C ARG A 23 -21.52 1.98 13.11
N ALA A 24 -20.20 1.98 13.15
CA ALA A 24 -19.43 2.17 11.92
C ALA A 24 -19.63 1.01 10.96
N THR A 25 -19.67 -0.22 11.48
CA THR A 25 -19.93 -1.39 10.65
C THR A 25 -21.28 -1.26 9.94
N THR A 26 -22.34 -0.96 10.69
CA THR A 26 -23.66 -0.79 10.10
C THR A 26 -23.63 0.25 8.99
N ARG A 27 -22.96 1.37 9.22
CA ARG A 27 -22.87 2.41 8.19
CA ARG A 27 -22.87 2.41 8.19
C ARG A 27 -22.15 1.91 6.95
N LEU A 28 -21.02 1.22 7.15
CA LEU A 28 -20.25 0.73 6.01
C LEU A 28 -21.01 -0.34 5.24
N ASP A 29 -21.76 -1.19 5.96
CA ASP A 29 -22.53 -2.23 5.29
C ASP A 29 -23.64 -1.63 4.43
N GLY A 30 -24.16 -0.45 4.80
CA GLY A 30 -25.22 0.16 4.04
C GLY A 30 -24.80 0.99 2.85
N LEU A 31 -23.51 1.11 2.58
CA LEU A 31 -23.00 2.01 1.55
C LEU A 31 -23.20 1.41 0.16
N LEU A 32 -22.92 2.23 -0.86
CA LEU A 32 -23.17 1.88 -2.26
C LEU A 32 -22.07 0.95 -2.75
N LYS A 33 -22.17 -0.31 -2.33
CA LYS A 33 -21.19 -1.35 -2.68
C LYS A 33 -21.65 -2.71 -2.19
N PRO A 34 -21.14 -3.80 -2.77
CA PRO A 34 -21.38 -5.12 -2.18
C PRO A 34 -20.76 -5.20 -0.78
N GLN A 35 -21.39 -5.97 0.09
CA GLN A 35 -20.99 -6.02 1.49
C GLN A 35 -19.55 -6.49 1.62
N GLY A 36 -18.76 -5.75 2.39
CA GLY A 36 -17.37 -6.11 2.63
C GLY A 36 -16.44 -6.01 1.44
N SER A 37 -16.89 -5.37 0.34
CA SER A 37 -16.09 -5.38 -0.88
C SER A 37 -14.87 -4.47 -0.79
N LEU A 38 -14.84 -3.53 0.14
CA LEU A 38 -13.64 -2.74 0.35
C LEU A 38 -12.75 -3.30 1.45
N GLY A 39 -13.01 -4.52 1.90
CA GLY A 39 -12.10 -5.31 2.70
C GLY A 39 -11.40 -4.59 3.83
N ARG A 40 -10.07 -4.59 3.79
CA ARG A 40 -9.29 -4.05 4.89
C ARG A 40 -9.40 -2.55 5.02
N LEU A 41 -9.79 -1.84 3.96
CA LEU A 41 -10.09 -0.42 4.11
C LEU A 41 -11.31 -0.19 5.00
N GLU A 42 -12.34 -1.03 4.84
CA GLU A 42 -13.47 -0.99 5.77
C GLU A 42 -13.04 -1.33 7.18
N GLN A 43 -12.26 -2.42 7.34
CA GLN A 43 -11.78 -2.80 8.66
CA GLN A 43 -11.76 -2.80 8.65
C GLN A 43 -11.01 -1.66 9.30
N LEU A 44 -10.20 -0.93 8.52
CA LEU A 44 -9.45 0.19 9.07
C LEU A 44 -10.38 1.30 9.52
N ALA A 45 -11.41 1.61 8.73
CA ALA A 45 -12.34 2.66 9.11
C ALA A 45 -13.09 2.29 10.40
N ILE A 46 -13.39 1.01 10.57
CA ILE A 46 -14.04 0.56 11.79
C ILE A 46 -13.09 0.63 12.97
N GLN A 47 -11.85 0.16 12.77
CA GLN A 47 -10.84 0.23 13.82
C GLN A 47 -10.66 1.66 14.31
N LEU A 48 -10.58 2.61 13.37
CA LEU A 48 -10.44 4.01 13.74
C LEU A 48 -11.66 4.55 14.47
N ALA A 49 -12.86 4.05 14.12
CA ALA A 49 -14.05 4.47 14.84
C ALA A 49 -13.99 4.08 16.31
N GLY A 50 -13.24 3.04 16.64
CA GLY A 50 -13.14 2.62 18.03
C GLY A 50 -12.16 3.40 18.86
N MET A 51 -11.42 4.32 18.25
CA MET A 51 -10.38 5.09 18.94
C MET A 51 -10.98 6.40 19.42
N ARG A 52 -11.21 6.50 20.74
CA ARG A 52 -11.95 7.64 21.28
C ARG A 52 -11.21 8.96 21.13
N GLY A 53 -9.90 8.93 20.89
CA GLY A 53 -9.15 10.15 20.68
C GLY A 53 -9.54 10.89 19.42
N LEU A 54 -10.12 10.17 18.44
CA LEU A 54 -10.53 10.79 17.20
C LEU A 54 -11.99 11.22 17.27
N TYR A 55 -12.33 12.16 16.40
CA TYR A 55 -13.68 12.70 16.34
C TYR A 55 -14.10 12.78 14.87
N GLY A 56 -15.11 12.02 14.49
CA GLY A 56 -15.64 12.11 13.14
C GLY A 56 -14.71 11.66 12.05
N HIS A 57 -13.82 10.71 12.33
CA HIS A 57 -12.84 10.23 11.34
C HIS A 57 -12.07 11.40 10.72
N GLN A 58 -11.77 12.40 11.55
CA GLN A 58 -10.96 13.55 11.15
CA GLN A 58 -10.96 13.54 11.13
C GLN A 58 -9.51 13.25 11.50
N VAL A 59 -8.65 13.13 10.48
CA VAL A 59 -7.27 12.71 10.71
C VAL A 59 -6.28 13.60 9.96
N ASP A 60 -6.60 14.88 9.82
CA ASP A 60 -5.79 15.76 8.99
C ASP A 60 -4.36 15.85 9.50
N ARG A 61 -4.18 16.23 10.77
CA ARG A 61 -2.85 16.47 11.30
C ARG A 61 -2.18 15.15 11.68
N LYS A 62 -1.02 14.90 11.08
CA LYS A 62 -0.27 13.66 11.24
C LYS A 62 1.16 14.00 11.64
N GLN A 63 1.78 13.14 12.46
CA GLN A 63 3.13 13.43 12.93
C GLN A 63 3.90 12.13 13.11
N ILE A 64 4.97 11.98 12.33
CA ILE A 64 5.90 10.87 12.47
C ILE A 64 6.99 11.28 13.45
N ILE A 65 7.14 10.54 14.54
CA ILE A 65 8.15 10.83 15.55
C ILE A 65 9.32 9.89 15.31
N VAL A 66 10.49 10.46 15.04
CA VAL A 66 11.69 9.70 14.71
C VAL A 66 12.63 9.76 15.90
N MET A 67 12.97 8.59 16.45
CA MET A 67 13.81 8.46 17.63
C MET A 67 15.23 8.07 17.20
N ALA A 68 16.21 8.88 17.56
CA ALA A 68 17.58 8.68 17.10
C ALA A 68 18.50 8.38 18.28
N ALA A 69 19.38 7.40 18.10
CA ALA A 69 20.30 7.00 19.16
C ALA A 69 21.42 6.15 18.56
N ASP A 70 22.59 6.22 19.18
CA ASP A 70 23.68 5.32 18.85
C ASP A 70 23.71 4.13 19.81
N HIS A 71 24.45 3.10 19.41
CA HIS A 71 24.39 1.79 20.05
C HIS A 71 25.80 1.31 20.33
N GLY A 72 26.03 0.83 21.56
CA GLY A 72 27.34 0.33 21.92
C GLY A 72 27.76 -0.88 21.11
N VAL A 73 26.79 -1.68 20.65
CA VAL A 73 27.09 -2.88 19.89
C VAL A 73 27.68 -2.56 18.53
N TYR A 74 27.62 -1.29 18.09
CA TYR A 74 28.40 -0.89 16.92
C TYR A 74 29.85 -1.35 17.05
N ASP A 75 30.37 -1.38 18.28
CA ASP A 75 31.75 -1.80 18.51
C ASP A 75 32.02 -3.23 18.08
N GLU A 76 30.98 -4.06 17.92
CA GLU A 76 31.14 -5.44 17.54
C GLU A 76 31.27 -5.65 16.03
N GLY A 77 31.27 -4.58 15.24
CA GLY A 77 31.43 -4.71 13.80
C GLY A 77 30.25 -5.38 13.14
N VAL A 78 29.05 -4.88 13.41
CA VAL A 78 27.81 -5.42 12.85
C VAL A 78 27.13 -4.43 11.91
N ALA A 79 27.79 -3.31 11.61
CA ALA A 79 27.23 -2.28 10.74
C ALA A 79 28.34 -1.77 9.83
N ILE A 80 28.00 -1.49 8.57
CA ILE A 80 29.02 -1.04 7.62
C ILE A 80 29.14 0.48 7.54
N SER A 81 28.13 1.22 8.01
CA SER A 81 28.19 2.67 7.91
C SER A 81 29.03 3.23 9.06
N PRO A 82 29.70 4.36 8.84
CA PRO A 82 30.34 5.06 9.96
C PRO A 82 29.32 5.39 11.03
N ARG A 83 29.71 5.22 12.29
CA ARG A 83 28.80 5.49 13.40
CA ARG A 83 28.76 5.48 13.37
C ARG A 83 28.32 6.94 13.39
N VAL A 84 29.17 7.85 12.90
CA VAL A 84 28.81 9.26 12.87
C VAL A 84 27.60 9.54 11.97
N VAL A 85 27.17 8.56 11.17
CA VAL A 85 26.04 8.80 10.28
C VAL A 85 24.74 9.01 11.06
N THR A 86 24.62 8.48 12.28
CA THR A 86 23.43 8.76 13.08
C THR A 86 23.27 10.25 13.29
N MET A 87 24.34 10.91 13.73
CA MET A 87 24.30 12.35 13.96
CA MET A 87 24.30 12.35 13.96
C MET A 87 24.07 13.11 12.66
N VAL A 88 24.86 12.82 11.63
CA VAL A 88 24.74 13.56 10.38
C VAL A 88 23.35 13.39 9.77
N GLN A 89 22.84 12.17 9.78
CA GLN A 89 21.51 11.94 9.19
C GLN A 89 20.42 12.62 10.02
N ALA A 90 20.59 12.73 11.33
CA ALA A 90 19.64 13.50 12.12
C ALA A 90 19.65 14.96 11.70
N LEU A 91 20.85 15.52 11.48
CA LEU A 91 20.94 16.86 10.93
C LEU A 91 20.33 16.93 9.54
N ASN A 92 20.50 15.86 8.75
CA ASN A 92 19.88 15.83 7.42
C ASN A 92 18.36 15.82 7.51
N MET A 93 17.81 15.26 8.56
CA MET A 93 16.40 15.30 8.75
C MET A 93 15.96 16.74 8.95
N VAL A 94 16.64 17.48 9.80
CA VAL A 94 16.33 18.90 9.98
C VAL A 94 16.37 19.62 8.64
N ARG A 95 17.36 19.30 7.81
CA ARG A 95 17.44 19.88 6.47
C ARG A 95 16.25 19.46 5.60
N GLY A 96 15.58 18.37 5.94
CA GLY A 96 14.42 17.93 5.18
C GLY A 96 14.74 17.17 3.91
N VAL A 97 15.91 16.50 3.85
CA VAL A 97 16.39 15.86 2.63
C VAL A 97 16.38 14.34 2.71
N THR A 98 15.95 13.76 3.83
CA THR A 98 15.99 12.31 3.96
C THR A 98 14.73 11.67 3.38
N GLY A 99 14.76 10.33 3.33
CA GLY A 99 13.64 9.60 2.74
C GLY A 99 12.34 9.81 3.48
N VAL A 100 12.37 9.77 4.82
CA VAL A 100 11.14 10.00 5.55
C VAL A 100 10.67 11.44 5.38
N CYS A 101 11.61 12.39 5.28
CA CYS A 101 11.23 13.79 5.09
C CYS A 101 10.41 13.98 3.83
N VAL A 102 10.88 13.44 2.70
CA VAL A 102 10.19 13.68 1.44
C VAL A 102 8.92 12.85 1.34
N LEU A 103 8.90 11.65 1.93
CA LEU A 103 7.67 10.86 1.91
C LEU A 103 6.64 11.42 2.88
N ALA A 104 7.10 11.94 4.03
CA ALA A 104 6.18 12.57 4.96
C ALA A 104 5.56 13.83 4.36
N ALA A 105 6.38 14.66 3.72
CA ALA A 105 5.85 15.84 3.03
C ALA A 105 4.83 15.44 1.97
N ASN A 106 5.12 14.37 1.22
CA ASN A 106 4.21 13.89 0.20
C ASN A 106 2.89 13.40 0.80
N ALA A 107 2.92 12.95 2.06
CA ALA A 107 1.72 12.50 2.75
C ALA A 107 1.12 13.56 3.65
N GLY A 108 1.65 14.79 3.62
CA GLY A 108 1.12 15.82 4.50
C GLY A 108 1.35 15.58 5.97
N ALA A 109 2.37 14.80 6.34
CA ALA A 109 2.66 14.50 7.74
C ALA A 109 3.87 15.30 8.21
N GLU A 110 3.80 15.76 9.47
CA GLU A 110 4.95 16.37 10.12
C GLU A 110 5.96 15.29 10.49
N VAL A 111 7.21 15.71 10.66
CA VAL A 111 8.27 14.84 11.16
C VAL A 111 8.89 15.53 12.37
N LYS A 112 8.99 14.81 13.47
CA LYS A 112 9.57 15.31 14.72
C LYS A 112 10.76 14.43 15.05
N ILE A 113 11.97 14.99 14.99
CA ILE A 113 13.18 14.20 15.23
C ILE A 113 13.60 14.38 16.69
N VAL A 114 13.79 13.27 17.39
CA VAL A 114 14.05 13.27 18.82
C VAL A 114 15.34 12.53 19.07
N ASP A 115 16.27 13.17 19.78
CA ASP A 115 17.54 12.57 20.16
C ASP A 115 17.35 11.92 21.53
N VAL A 116 17.32 10.59 21.57
CA VAL A 116 17.24 9.85 22.83
C VAL A 116 18.54 9.18 23.21
N GLY A 117 19.55 9.20 22.34
CA GLY A 117 20.84 8.68 22.74
C GLY A 117 21.90 8.71 21.67
N ILE A 118 21.93 9.77 20.85
CA ILE A 118 23.00 9.92 19.87
C ILE A 118 24.33 10.18 20.59
N ASP A 119 25.41 9.60 20.07
CA ASP A 119 26.74 9.87 20.61
C ASP A 119 27.22 11.20 20.03
N SER A 120 26.73 12.27 20.64
CA SER A 120 26.99 13.63 20.19
C SER A 120 26.42 14.57 21.25
N ASP A 121 26.72 15.85 21.12
CA ASP A 121 26.07 16.85 21.95
C ASP A 121 24.70 17.17 21.37
N THR A 122 24.00 18.14 21.97
CA THR A 122 22.72 18.57 21.43
C THR A 122 22.89 19.05 19.99
N LEU A 123 21.91 18.73 19.15
CA LEU A 123 21.93 19.08 17.75
C LEU A 123 20.87 20.14 17.47
N PRO A 124 21.21 21.20 16.72
CA PRO A 124 20.20 22.23 16.43
C PRO A 124 19.03 21.65 15.65
N GLY A 125 17.82 21.92 16.15
CA GLY A 125 16.62 21.45 15.51
C GLY A 125 16.19 20.05 15.89
N VAL A 126 16.89 19.41 16.82
CA VAL A 126 16.58 18.06 17.27
C VAL A 126 16.20 18.14 18.73
N ILE A 127 15.06 17.52 19.10
CA ILE A 127 14.60 17.58 20.48
C ILE A 127 15.58 16.82 21.38
N ASP A 128 15.95 17.45 22.50
CA ASP A 128 16.85 16.84 23.48
C ASP A 128 16.03 15.98 24.43
N MET A 129 16.09 14.66 24.23
CA MET A 129 15.59 13.66 25.16
C MET A 129 16.70 12.65 25.48
N LYS A 130 17.96 13.10 25.40
CA LYS A 130 19.10 12.18 25.37
C LYS A 130 19.32 11.53 26.72
N VAL A 131 19.27 10.19 26.76
CA VAL A 131 19.54 9.46 27.99
C VAL A 131 21.04 9.36 28.23
N ALA A 132 21.79 9.00 27.20
CA ALA A 132 23.24 8.88 27.28
C ALA A 132 23.80 9.01 25.87
N ARG A 133 25.12 9.09 25.78
CA ARG A 133 25.78 9.18 24.48
C ARG A 133 26.02 7.75 23.98
N GLY A 134 24.94 7.16 23.47
CA GLY A 134 24.97 5.77 23.03
C GLY A 134 24.62 4.80 24.15
N SER A 135 23.99 3.71 23.77
CA SER A 135 23.63 2.67 24.71
C SER A 135 24.85 1.83 25.07
N GLY A 136 24.72 1.05 26.14
CA GLY A 136 25.72 0.03 26.41
C GLY A 136 25.78 -1.00 25.30
N ASN A 137 26.94 -1.62 25.14
CA ASN A 137 27.12 -2.67 24.15
C ASN A 137 26.40 -3.93 24.61
N ILE A 138 25.31 -4.28 23.93
CA ILE A 138 24.46 -5.37 24.40
C ILE A 138 25.17 -6.71 24.36
N ALA A 139 26.24 -6.83 23.58
CA ALA A 139 26.96 -8.10 23.55
C ALA A 139 27.76 -8.35 24.81
N ARG A 140 28.08 -7.29 25.58
CA ARG A 140 28.93 -7.39 26.76
C ARG A 140 28.17 -7.10 28.04
N GLY A 141 26.90 -6.74 27.95
CA GLY A 141 26.15 -6.25 29.09
C GLY A 141 24.85 -5.65 28.62
N ALA A 142 24.18 -4.95 29.54
CA ALA A 142 22.87 -4.38 29.24
C ALA A 142 23.02 -3.10 28.42
N ALA A 143 22.02 -2.84 27.58
CA ALA A 143 21.98 -1.57 26.88
C ALA A 143 21.83 -0.41 27.85
N MET A 144 21.09 -0.61 28.93
CA MET A 144 20.74 0.46 29.87
C MET A 144 20.18 -0.21 31.12
N THR A 145 20.03 0.60 32.17
CA THR A 145 19.39 0.09 33.38
C THR A 145 17.88 0.05 33.19
N ARG A 146 17.22 -0.78 34.00
CA ARG A 146 15.75 -0.81 33.96
C ARG A 146 15.17 0.57 34.21
N GLN A 147 15.74 1.31 35.16
CA GLN A 147 15.21 2.64 35.48
C GLN A 147 15.35 3.59 34.30
N GLN A 148 16.48 3.52 33.57
CA GLN A 148 16.62 4.35 32.38
C GLN A 148 15.57 4.02 31.33
N ALA A 149 15.29 2.74 31.13
CA ALA A 149 14.26 2.35 30.18
C ALA A 149 12.90 2.87 30.60
N GLU A 150 12.56 2.71 31.88
CA GLU A 150 11.25 3.15 32.37
CA GLU A 150 11.25 3.15 32.35
C GLU A 150 11.11 4.66 32.25
N ASP A 151 12.15 5.40 32.61
CA ASP A 151 12.08 6.87 32.54
C ASP A 151 11.97 7.34 31.11
N LEU A 152 12.65 6.68 30.18
CA LEU A 152 12.54 7.09 28.78
C LEU A 152 11.16 6.73 28.21
N LEU A 153 10.60 5.58 28.63
CA LEU A 153 9.24 5.27 28.22
C LEU A 153 8.28 6.35 28.67
N ILE A 154 8.44 6.81 29.91
CA ILE A 154 7.58 7.86 30.45
C ILE A 154 7.76 9.15 29.67
N ALA A 155 9.02 9.52 29.41
CA ALA A 155 9.29 10.77 28.71
C ALA A 155 8.75 10.76 27.29
N SER A 156 8.93 9.65 26.57
CA SER A 156 8.49 9.63 25.18
C SER A 156 6.97 9.47 25.08
N ALA A 157 6.36 8.68 25.97
CA ALA A 157 4.90 8.65 26.02
C ALA A 157 4.33 10.01 26.37
N THR A 158 4.99 10.71 27.31
CA THR A 158 4.52 12.02 27.71
C THR A 158 4.59 13.02 26.56
N LEU A 159 5.70 13.00 25.82
CA LEU A 159 5.80 13.85 24.63
C LEU A 159 4.67 13.55 23.65
N THR A 160 4.42 12.26 23.39
CA THR A 160 3.35 11.89 22.47
C THR A 160 2.01 12.40 22.98
N LEU A 161 1.73 12.23 24.27
CA LEU A 161 0.48 12.72 24.82
C LEU A 161 0.37 14.23 24.73
N GLN A 162 1.50 14.94 24.90
CA GLN A 162 1.48 16.38 24.70
C GLN A 162 1.13 16.73 23.25
N GLN A 163 1.71 16.00 22.30
CA GLN A 163 1.38 16.25 20.90
C GLN A 163 -0.07 15.89 20.61
N ALA A 164 -0.59 14.85 21.25
CA ALA A 164 -2.00 14.52 21.12
C ALA A 164 -2.87 15.66 21.63
N ALA A 165 -2.56 16.18 22.81
CA ALA A 165 -3.32 17.31 23.33
C ALA A 165 -3.20 18.53 22.42
N GLY A 166 -2.07 18.67 21.72
CA GLY A 166 -1.87 19.77 20.80
C GLY A 166 -2.60 19.64 19.49
N GLY A 167 -3.22 18.50 19.20
CA GLY A 167 -4.03 18.33 18.01
C GLY A 167 -3.55 17.29 17.02
N VAL A 168 -2.44 16.59 17.26
CA VAL A 168 -2.05 15.52 16.34
C VAL A 168 -3.09 14.42 16.39
N LYS A 169 -3.54 13.96 15.21
CA LYS A 169 -4.56 12.92 15.12
C LYS A 169 -3.99 11.55 14.81
N VAL A 170 -2.91 11.47 14.03
CA VAL A 170 -2.31 10.20 13.68
C VAL A 170 -0.82 10.28 13.93
N PHE A 171 -0.28 9.32 14.67
CA PHE A 171 1.15 9.22 14.87
C PHE A 171 1.76 8.18 13.96
N GLY A 172 3.06 8.34 13.70
CA GLY A 172 3.88 7.27 13.16
C GLY A 172 5.20 7.23 13.92
N VAL A 173 5.90 6.11 13.75
CA VAL A 173 7.19 5.94 14.42
C VAL A 173 8.26 5.72 13.37
N GLY A 174 9.46 6.20 13.69
CA GLY A 174 10.66 5.93 12.91
C GLY A 174 11.84 5.97 13.84
N GLU A 175 12.99 5.58 13.32
CA GLU A 175 14.21 5.62 14.06
C GLU A 175 15.41 5.94 13.19
N LEU A 176 16.49 6.32 13.87
CA LEU A 176 17.80 6.55 13.28
C LEU A 176 18.82 5.95 14.23
N GLY A 177 19.67 5.08 13.74
CA GLY A 177 20.68 4.49 14.60
C GLY A 177 21.55 3.47 13.91
N MET A 178 22.82 3.81 13.71
CA MET A 178 23.75 2.86 13.12
C MET A 178 23.85 1.64 14.03
N ALA A 179 23.77 0.46 13.42
CA ALA A 179 23.80 -0.86 14.06
C ALA A 179 22.52 -1.19 14.81
N ASN A 180 21.43 -0.43 14.63
CA ASN A 180 20.29 -0.69 15.50
C ASN A 180 19.46 -1.90 15.07
N THR A 181 19.74 -2.50 13.90
CA THR A 181 19.08 -3.76 13.56
C THR A 181 19.62 -4.93 14.36
N THR A 182 20.77 -4.76 15.02
CA THR A 182 21.27 -5.82 15.89
C THR A 182 20.45 -5.91 17.17
N PRO A 183 20.29 -4.83 17.96
CA PRO A 183 19.34 -4.92 19.10
C PRO A 183 17.94 -5.31 18.67
N ALA A 184 17.46 -4.77 17.55
CA ALA A 184 16.12 -5.11 17.08
C ALA A 184 15.98 -6.61 16.87
N ALA A 185 16.98 -7.24 16.25
CA ALA A 185 16.91 -8.68 16.04
C ALA A 185 16.99 -9.43 17.35
N ALA A 186 17.82 -8.96 18.29
CA ALA A 186 17.89 -9.59 19.60
C ALA A 186 16.53 -9.54 20.31
N MET A 187 15.89 -8.38 20.27
CA MET A 187 14.55 -8.26 20.87
C MET A 187 13.56 -9.20 20.21
N VAL A 188 13.55 -9.22 18.87
CA VAL A 188 12.62 -10.09 18.15
C VAL A 188 12.89 -11.55 18.49
N SER A 189 14.17 -11.95 18.52
CA SER A 189 14.51 -13.32 18.89
C SER A 189 13.94 -13.67 20.27
N VAL A 190 14.14 -12.77 21.24
CA VAL A 190 13.71 -13.06 22.61
C VAL A 190 12.19 -13.11 22.69
N PHE A 191 11.52 -12.12 22.10
CA PHE A 191 10.06 -12.05 22.22
C PHE A 191 9.38 -13.22 21.53
N THR A 192 9.92 -13.70 20.42
CA THR A 192 9.26 -14.71 19.62
C THR A 192 9.78 -16.12 19.88
N ASP A 193 10.64 -16.29 20.89
CA ASP A 193 11.30 -17.57 21.16
C ASP A 193 11.94 -18.14 19.89
N SER A 194 12.65 -17.28 19.17
CA SER A 194 13.31 -17.66 17.92
C SER A 194 14.82 -17.70 18.12
N ASP A 195 15.47 -18.70 17.55
CA ASP A 195 16.91 -18.66 17.47
C ASP A 195 17.34 -17.45 16.63
N PRO A 196 18.36 -16.70 17.06
CA PRO A 196 18.74 -15.48 16.34
C PRO A 196 19.03 -15.70 14.84
N GLU A 197 19.41 -16.91 14.44
CA GLU A 197 19.66 -17.17 13.03
C GLU A 197 18.42 -16.89 12.18
N LEU A 198 17.23 -17.03 12.77
CA LEU A 198 15.98 -16.76 12.05
C LEU A 198 15.62 -15.28 12.02
N ALA A 199 16.14 -14.49 12.96
CA ALA A 199 15.68 -13.12 13.13
C ALA A 199 16.68 -12.07 12.68
N VAL A 200 17.91 -12.47 12.40
CA VAL A 200 18.99 -11.53 12.08
C VAL A 200 19.04 -11.32 10.58
N GLY A 201 18.90 -10.05 10.15
CA GLY A 201 18.92 -9.69 8.76
C GLY A 201 20.14 -8.85 8.39
N ILE A 202 20.15 -8.40 7.13
CA ILE A 202 21.32 -7.68 6.62
C ILE A 202 21.33 -6.21 6.98
N GLY A 203 20.24 -5.68 7.55
CA GLY A 203 20.23 -4.27 7.92
C GLY A 203 20.61 -3.40 6.74
N ALA A 204 21.54 -2.47 6.97
CA ALA A 204 22.01 -1.56 5.93
C ALA A 204 23.12 -2.24 5.11
N ASN A 205 22.70 -3.27 4.36
CA ASN A 205 23.56 -3.95 3.38
C ASN A 205 24.79 -4.57 4.04
N PHE A 206 24.62 -5.17 5.21
CA PHE A 206 25.70 -5.96 5.81
C PHE A 206 26.04 -7.10 4.86
N PRO A 207 27.31 -7.37 4.60
CA PRO A 207 27.67 -8.43 3.64
C PRO A 207 27.09 -9.77 4.06
N SER A 208 26.43 -10.44 3.12
CA SER A 208 25.80 -11.73 3.42
C SER A 208 26.83 -12.76 3.86
N GLU A 209 28.07 -12.65 3.38
CA GLU A 209 29.10 -13.59 3.79
C GLU A 209 29.60 -13.34 5.20
N GLN A 210 29.23 -12.22 5.82
CA GLN A 210 29.58 -11.94 7.21
C GLN A 210 28.37 -12.01 8.14
N LEU A 211 27.20 -12.39 7.62
CA LEU A 211 26.00 -12.38 8.45
C LEU A 211 26.12 -13.31 9.64
N HIS A 212 26.91 -14.38 9.50
CA HIS A 212 27.12 -15.29 10.62
C HIS A 212 27.72 -14.60 11.83
N HIS A 213 28.50 -13.55 11.61
CA HIS A 213 29.08 -12.82 12.74
C HIS A 213 28.02 -11.96 13.42
N LYS A 214 27.12 -11.35 12.65
CA LYS A 214 26.01 -10.62 13.25
C LYS A 214 25.13 -11.55 14.07
N VAL A 215 24.89 -12.77 13.58
CA VAL A 215 24.13 -13.75 14.34
C VAL A 215 24.85 -14.09 15.63
N ALA A 216 26.17 -14.29 15.55
CA ALA A 216 26.94 -14.62 16.75
C ALA A 216 26.86 -13.52 17.78
N VAL A 217 26.90 -12.25 17.34
CA VAL A 217 26.83 -11.13 18.29
C VAL A 217 25.48 -11.10 18.98
N VAL A 218 24.39 -11.29 18.22
CA VAL A 218 23.06 -11.28 18.83
C VAL A 218 22.91 -12.44 19.80
N ARG A 219 23.39 -13.62 19.41
CA ARG A 219 23.34 -14.78 20.30
C ARG A 219 24.09 -14.50 21.59
N ARG A 220 25.25 -13.84 21.49
CA ARG A 220 26.02 -13.53 22.68
C ARG A 220 25.32 -12.49 23.54
N ALA A 221 24.66 -11.51 22.91
CA ALA A 221 23.90 -10.51 23.68
C ALA A 221 22.81 -11.16 24.51
N ILE A 222 22.09 -12.12 23.91
CA ILE A 222 21.02 -12.80 24.64
C ILE A 222 21.61 -13.68 25.74
N GLU A 223 22.71 -14.39 25.44
CA GLU A 223 23.31 -15.27 26.43
C GLU A 223 23.88 -14.47 27.60
N THR A 224 24.50 -13.33 27.30
CA THR A 224 25.08 -12.50 28.36
C THR A 224 24.00 -11.90 29.26
N ASN A 225 22.91 -11.42 28.66
CA ASN A 225 21.93 -10.63 29.40
C ASN A 225 20.77 -11.45 29.95
N GLN A 226 20.46 -12.60 29.36
CA GLN A 226 19.37 -13.46 29.77
C GLN A 226 18.08 -12.67 30.06
N PRO A 227 17.55 -11.95 29.08
CA PRO A 227 16.34 -11.16 29.34
C PRO A 227 15.11 -12.04 29.54
N ASP A 228 14.17 -11.52 30.33
CA ASP A 228 12.89 -12.16 30.58
C ASP A 228 11.94 -11.81 29.44
N ALA A 229 11.65 -12.79 28.59
CA ALA A 229 10.84 -12.54 27.39
C ALA A 229 9.44 -12.04 27.73
N SER A 230 8.93 -12.35 28.92
CA SER A 230 7.61 -11.85 29.30
C SER A 230 7.62 -10.39 29.74
N ASP A 231 8.79 -9.80 29.97
CA ASP A 231 8.94 -8.49 30.58
C ASP A 231 9.44 -7.53 29.49
N GLY A 232 8.52 -6.73 28.94
CA GLY A 232 8.87 -5.86 27.84
C GLY A 232 9.91 -4.82 28.21
N ILE A 233 9.84 -4.28 29.42
CA ILE A 233 10.82 -3.30 29.85
C ILE A 233 12.19 -3.96 30.00
N ASP A 234 12.22 -5.17 30.57
CA ASP A 234 13.48 -5.88 30.76
C ASP A 234 14.17 -6.19 29.44
N VAL A 235 13.41 -6.62 28.44
CA VAL A 235 13.99 -6.93 27.14
C VAL A 235 14.53 -5.66 26.49
N LEU A 236 13.76 -4.56 26.56
CA LEU A 236 14.23 -3.30 26.03
C LEU A 236 15.52 -2.86 26.72
N ALA A 237 15.57 -2.96 28.05
CA ALA A 237 16.72 -2.44 28.77
C ALA A 237 17.96 -3.29 28.52
N LYS A 238 17.78 -4.60 28.38
CA LYS A 238 18.92 -5.51 28.30
C LYS A 238 19.47 -5.61 26.88
N VAL A 239 18.62 -5.86 25.89
CA VAL A 239 19.10 -6.09 24.52
C VAL A 239 18.49 -5.12 23.52
N GLY A 240 17.91 -4.02 23.99
CA GLY A 240 17.34 -3.02 23.11
C GLY A 240 18.29 -1.85 22.92
N GLY A 241 17.72 -0.65 22.87
CA GLY A 241 18.46 0.58 22.74
C GLY A 241 17.51 1.74 22.95
N PHE A 242 18.06 2.95 22.99
CA PHE A 242 17.25 4.12 23.33
C PHE A 242 16.23 4.45 22.24
N ASP A 243 16.60 4.29 20.97
CA ASP A 243 15.64 4.53 19.90
C ASP A 243 14.48 3.55 19.98
N LEU A 244 14.78 2.27 20.21
CA LEU A 244 13.74 1.27 20.38
C LEU A 244 12.84 1.59 21.56
N VAL A 245 13.42 2.00 22.69
CA VAL A 245 12.59 2.39 23.84
C VAL A 245 11.70 3.56 23.47
N GLY A 246 12.26 4.56 22.79
CA GLY A 246 11.49 5.74 22.44
C GLY A 246 10.29 5.41 21.57
N MET A 247 10.49 4.52 20.58
CA MET A 247 9.38 4.15 19.71
C MET A 247 8.30 3.41 20.50
N THR A 248 8.71 2.54 21.41
CA THR A 248 7.73 1.89 22.28
C THR A 248 6.94 2.94 23.07
N GLY A 249 7.62 3.96 23.60
CA GLY A 249 6.94 5.02 24.33
C GLY A 249 5.92 5.77 23.49
N VAL A 250 6.25 6.04 22.22
CA VAL A 250 5.29 6.70 21.33
C VAL A 250 4.04 5.85 21.16
N MET A 251 4.22 4.54 20.97
CA MET A 251 3.07 3.65 20.84
C MET A 251 2.24 3.63 22.12
N LEU A 252 2.90 3.56 23.28
CA LEU A 252 2.18 3.62 24.54
C LEU A 252 1.42 4.93 24.69
N GLY A 253 2.05 6.04 24.33
CA GLY A 253 1.40 7.34 24.49
C GLY A 253 0.24 7.54 23.53
N ALA A 254 0.39 7.09 22.29
CA ALA A 254 -0.72 7.18 21.33
C ALA A 254 -1.90 6.35 21.80
N ALA A 255 -1.64 5.11 22.23
CA ALA A 255 -2.72 4.28 22.74
C ALA A 255 -3.35 4.90 23.98
N ALA A 256 -2.53 5.51 24.85
CA ALA A 256 -3.09 6.16 26.03
C ALA A 256 -3.94 7.36 25.64
N ALA A 257 -3.55 8.07 24.58
CA ALA A 257 -4.36 9.17 24.06
C ALA A 257 -5.63 8.69 23.37
N GLY A 258 -5.72 7.39 23.06
CA GLY A 258 -6.83 6.89 22.27
C GLY A 258 -6.68 7.16 20.79
N LEU A 259 -5.45 7.21 20.29
CA LEU A 259 -5.16 7.65 18.93
C LEU A 259 -4.39 6.58 18.17
N PRO A 260 -4.48 6.58 16.84
CA PRO A 260 -3.74 5.59 16.04
C PRO A 260 -2.26 5.92 15.94
N VAL A 261 -1.44 4.87 15.88
CA VAL A 261 -0.02 5.03 15.62
C VAL A 261 0.39 4.06 14.52
N VAL A 262 1.04 4.59 13.48
CA VAL A 262 1.38 3.82 12.29
C VAL A 262 2.80 3.29 12.44
N LEU A 263 2.94 1.97 12.31
CA LEU A 263 4.25 1.34 12.43
C LEU A 263 5.08 1.61 11.18
N ASP A 264 6.38 1.39 11.31
CA ASP A 264 7.28 1.46 10.15
C ASP A 264 7.69 0.06 9.76
N GLY A 265 8.97 -0.25 9.88
CA GLY A 265 9.47 -1.57 9.52
C GLY A 265 9.97 -2.37 10.71
N PHE A 266 11.08 -3.10 10.47
CA PHE A 266 11.56 -4.11 11.41
C PHE A 266 11.87 -3.52 12.78
N LEU A 267 12.58 -2.39 12.82
CA LEU A 267 12.87 -1.77 14.11
C LEU A 267 11.59 -1.48 14.89
N SER A 268 10.59 -0.91 14.21
CA SER A 268 9.33 -0.62 14.87
C SER A 268 8.59 -1.89 15.28
N TYR A 269 8.78 -3.00 14.57
CA TYR A 269 8.16 -4.26 15.01
C TYR A 269 8.70 -4.66 16.37
N ALA A 270 10.00 -4.53 16.56
CA ALA A 270 10.60 -4.86 17.86
C ALA A 270 10.01 -3.98 18.96
N SER A 271 9.89 -2.68 18.70
CA SER A 271 9.28 -1.79 19.68
C SER A 271 7.82 -2.13 19.93
N ALA A 272 7.11 -2.53 18.87
CA ALA A 272 5.70 -2.91 19.03
C ALA A 272 5.56 -4.18 19.86
N LEU A 273 6.45 -5.16 19.65
CA LEU A 273 6.44 -6.35 20.49
C LEU A 273 6.63 -5.98 21.95
N ALA A 274 7.54 -5.05 22.24
CA ALA A 274 7.75 -4.66 23.63
C ALA A 274 6.55 -3.90 24.17
N ALA A 275 5.95 -3.03 23.34
CA ALA A 275 4.77 -2.29 23.78
C ALA A 275 3.63 -3.21 24.13
N CYS A 276 3.37 -4.22 23.28
CA CYS A 276 2.28 -5.14 23.57
C CYS A 276 2.56 -6.00 24.79
N ARG A 277 3.82 -6.33 25.05
CA ARG A 277 4.16 -7.04 26.29
CA ARG A 277 4.15 -7.05 26.28
C ARG A 277 3.90 -6.17 27.51
N ILE A 278 4.14 -4.87 27.38
CA ILE A 278 3.96 -3.96 28.48
C ILE A 278 2.48 -3.76 28.77
N GLU A 279 1.68 -3.59 27.72
CA GLU A 279 0.23 -3.45 27.86
C GLU A 279 -0.40 -4.00 26.59
N ALA A 280 -1.10 -5.14 26.70
CA ALA A 280 -1.64 -5.79 25.51
C ALA A 280 -2.68 -4.92 24.81
N LYS A 281 -3.35 -4.03 25.54
CA LYS A 281 -4.36 -3.16 24.94
C LYS A 281 -3.77 -2.19 23.92
N VAL A 282 -2.45 -2.05 23.85
CA VAL A 282 -1.85 -1.16 22.87
CA VAL A 282 -1.81 -1.18 22.87
C VAL A 282 -2.06 -1.70 21.46
N ARG A 283 -2.20 -3.03 21.31
CA ARG A 283 -2.18 -3.63 19.97
C ARG A 283 -3.26 -3.05 19.06
N ASP A 284 -4.44 -2.76 19.60
CA ASP A 284 -5.54 -2.32 18.74
C ASP A 284 -5.41 -0.87 18.29
N TYR A 285 -4.45 -0.13 18.82
CA TYR A 285 -4.15 1.20 18.31
C TYR A 285 -3.07 1.20 17.25
N LEU A 286 -2.40 0.06 17.06
CA LEU A 286 -1.34 -0.04 16.06
C LEU A 286 -1.95 -0.20 14.67
N ILE A 287 -1.36 0.49 13.71
CA ILE A 287 -1.71 0.32 12.30
C ILE A 287 -0.45 -0.09 11.55
N PRO A 288 -0.37 -1.30 11.02
CA PRO A 288 0.83 -1.68 10.25
C PRO A 288 0.90 -0.89 8.96
N SER A 289 2.11 -0.76 8.43
CA SER A 289 2.26 -0.03 7.18
C SER A 289 2.71 -1.00 6.09
N HIS A 290 4.00 -1.26 6.04
CA HIS A 290 4.59 -2.10 5.00
C HIS A 290 5.22 -3.35 5.59
N LEU A 291 5.46 -4.32 4.72
CA LEU A 291 6.12 -5.57 5.09
C LEU A 291 7.62 -5.39 4.85
N SER A 292 8.37 -5.19 5.93
CA SER A 292 9.81 -4.94 5.82
C SER A 292 10.51 -6.12 5.14
N ALA A 293 11.56 -5.80 4.37
CA ALA A 293 12.36 -6.82 3.72
C ALA A 293 13.36 -7.48 4.66
N GLU A 294 13.39 -7.09 5.94
CA GLU A 294 14.30 -7.72 6.89
C GLU A 294 13.93 -9.18 7.08
N LYS A 295 14.96 -10.03 7.23
CA LYS A 295 14.74 -11.47 7.31
C LYS A 295 13.75 -11.84 8.42
N GLY A 296 13.85 -11.17 9.56
CA GLY A 296 12.96 -11.49 10.68
C GLY A 296 11.62 -10.78 10.68
N ALA A 297 11.24 -10.13 9.58
CA ALA A 297 10.01 -9.34 9.57
C ALA A 297 8.79 -10.23 9.74
N VAL A 298 8.74 -11.34 9.02
CA VAL A 298 7.55 -12.19 9.02
C VAL A 298 7.32 -12.80 10.40
N ILE A 299 8.40 -13.20 11.07
CA ILE A 299 8.28 -13.76 12.42
C ILE A 299 7.74 -12.70 13.38
N ALA A 300 8.28 -11.49 13.31
CA ALA A 300 7.80 -10.43 14.20
C ALA A 300 6.33 -10.10 13.94
N LEU A 301 5.95 -9.97 12.67
CA LEU A 301 4.58 -9.62 12.31
C LEU A 301 3.60 -10.70 12.74
N ASN A 302 3.98 -11.98 12.57
CA ASN A 302 3.14 -13.08 13.01
C ASN A 302 2.87 -12.99 14.50
N HIS A 303 3.88 -12.66 15.30
CA HIS A 303 3.69 -12.59 16.74
CA HIS A 303 3.71 -12.58 16.74
C HIS A 303 2.88 -11.35 17.13
N LEU A 304 3.01 -10.26 16.37
CA LEU A 304 2.13 -9.12 16.60
C LEU A 304 0.72 -9.39 16.11
N GLN A 305 0.53 -10.41 15.26
CA GLN A 305 -0.75 -10.67 14.61
C GLN A 305 -1.20 -9.48 13.79
N LEU A 306 -0.27 -8.87 13.07
CA LEU A 306 -0.57 -7.74 12.20
C LEU A 306 -0.18 -8.10 10.76
N GLU A 307 -0.97 -7.59 9.81
CA GLU A 307 -0.75 -7.83 8.39
C GLU A 307 -0.58 -6.50 7.67
N PRO A 308 0.63 -6.12 7.27
CA PRO A 308 0.82 -4.81 6.65
C PRO A 308 0.07 -4.69 5.34
N TYR A 309 -0.23 -3.45 4.96
CA TYR A 309 -0.97 -3.20 3.74
C TYR A 309 -0.08 -3.08 2.52
N LEU A 310 1.18 -2.72 2.70
CA LEU A 310 2.08 -2.41 1.59
C LEU A 310 3.19 -3.45 1.53
N GLN A 311 3.43 -4.00 0.34
CA GLN A 311 4.53 -4.94 0.11
C GLN A 311 5.48 -4.26 -0.86
N MET A 312 6.40 -3.46 -0.31
CA MET A 312 7.28 -2.61 -1.09
C MET A 312 8.73 -3.08 -1.07
N GLY A 313 9.03 -4.20 -0.41
CA GLY A 313 10.41 -4.63 -0.26
C GLY A 313 11.30 -3.60 0.40
N MET A 314 10.72 -2.72 1.22
CA MET A 314 11.48 -1.63 1.80
C MET A 314 12.23 -2.05 3.06
N ARG A 315 13.38 -1.42 3.27
CA ARG A 315 14.19 -1.71 4.45
C ARG A 315 14.97 -0.49 4.92
N LEU A 316 14.51 0.73 4.58
CA LEU A 316 15.23 1.92 4.99
C LEU A 316 15.02 2.22 6.48
N GLY A 317 13.78 2.12 6.95
CA GLY A 317 13.45 2.64 8.26
C GLY A 317 13.18 4.13 8.20
N GLU A 318 13.57 4.85 9.26
CA GLU A 318 13.38 6.29 9.41
C GLU A 318 11.92 6.69 9.57
N GLY A 319 11.01 5.74 9.42
CA GLY A 319 9.60 6.04 9.33
C GLY A 319 9.09 6.20 7.92
N SER A 320 9.90 5.89 6.90
CA SER A 320 9.50 6.11 5.52
C SER A 320 8.27 5.27 5.16
N GLY A 321 8.20 4.05 5.66
CA GLY A 321 7.03 3.22 5.39
C GLY A 321 5.79 3.72 6.11
N ALA A 322 5.96 4.21 7.34
CA ALA A 322 4.81 4.78 8.06
C ALA A 322 4.22 5.94 7.28
N ALA A 323 5.09 6.77 6.67
CA ALA A 323 4.60 7.87 5.84
C ALA A 323 3.71 7.37 4.72
N LEU A 324 4.12 6.28 4.05
CA LEU A 324 3.34 5.77 2.93
C LEU A 324 1.94 5.34 3.36
N ALA A 325 1.83 4.69 4.53
CA ALA A 325 0.53 4.19 4.97
C ALA A 325 -0.39 5.29 5.44
N MET A 326 0.13 6.50 5.69
CA MET A 326 -0.73 7.62 6.06
C MET A 326 -1.80 7.86 5.00
N HIS A 327 -1.44 7.71 3.72
CA HIS A 327 -2.41 7.82 2.65
C HIS A 327 -3.57 6.84 2.85
N LEU A 328 -3.28 5.67 3.41
CA LEU A 328 -4.34 4.67 3.60
C LEU A 328 -5.27 5.06 4.74
N VAL A 329 -4.71 5.65 5.81
CA VAL A 329 -5.55 6.17 6.88
C VAL A 329 -6.46 7.26 6.35
N ASP A 330 -5.92 8.17 5.53
CA ASP A 330 -6.74 9.17 4.84
C ASP A 330 -7.84 8.50 4.01
N ALA A 331 -7.48 7.46 3.26
CA ALA A 331 -8.43 6.83 2.35
C ALA A 331 -9.58 6.18 3.10
N ALA A 332 -9.27 5.49 4.21
CA ALA A 332 -10.33 4.88 5.00
C ALA A 332 -11.29 5.93 5.54
N CYS A 333 -10.76 7.05 6.02
CA CYS A 333 -11.65 8.10 6.54
C CYS A 333 -12.42 8.77 5.41
N ALA A 334 -11.78 9.00 4.27
CA ALA A 334 -12.48 9.58 3.13
C ALA A 334 -13.63 8.68 2.68
N MET A 335 -13.39 7.37 2.62
CA MET A 335 -14.45 6.44 2.28
C MET A 335 -15.57 6.49 3.33
N TYR A 336 -15.20 6.50 4.60
CA TYR A 336 -16.22 6.53 5.64
C TYR A 336 -17.03 7.82 5.57
N ASN A 337 -16.36 8.95 5.41
CA ASN A 337 -17.05 10.24 5.53
C ASN A 337 -17.82 10.60 4.26
N ASN A 338 -17.29 10.28 3.09
CA ASN A 338 -17.77 10.88 1.85
C ASN A 338 -18.56 9.95 0.96
N MET A 339 -18.49 8.65 1.18
CA MET A 339 -19.14 7.71 0.27
C MET A 339 -20.65 7.72 0.49
N GLY A 340 -21.39 7.63 -0.61
CA GLY A 340 -22.84 7.68 -0.52
C GLY A 340 -23.46 6.35 -0.08
N SER A 341 -24.69 6.45 0.42
CA SER A 341 -25.46 5.29 0.84
C SER A 341 -26.83 5.24 0.17
N LEU A 342 -27.64 6.29 0.34
CA LEU A 342 -28.91 6.44 -0.36
C LEU A 342 -29.06 7.92 -0.69
N ALA A 343 -28.20 8.42 -1.57
CA ALA A 343 -28.33 9.81 -1.97
C ALA A 343 -29.45 10.02 -2.97
N GLU A 344 -29.82 8.98 -3.72
CA GLU A 344 -31.10 8.88 -4.46
C GLU A 344 -31.14 7.57 -5.24
N GLY B 2 -13.39 10.28 -39.78
CA GLY B 2 -12.27 9.40 -40.06
C GLY B 2 -11.51 9.02 -38.81
N MET B 3 -11.13 7.75 -38.72
CA MET B 3 -10.48 7.22 -37.55
C MET B 3 -9.17 6.53 -37.93
N GLN B 4 -8.20 6.58 -37.02
CA GLN B 4 -6.97 5.84 -37.25
C GLN B 4 -7.23 4.34 -37.18
N THR B 5 -6.31 3.57 -37.73
CA THR B 5 -6.42 2.13 -37.55
C THR B 5 -5.86 1.73 -36.20
N LEU B 6 -6.30 0.58 -35.71
CA LEU B 6 -5.71 0.03 -34.50
C LEU B 6 -4.21 -0.21 -34.70
N SER B 7 -3.84 -0.75 -35.86
CA SER B 7 -2.43 -1.02 -36.13
C SER B 7 -1.60 0.25 -36.05
N SER B 8 -2.11 1.36 -36.55
CA SER B 8 -1.36 2.61 -36.52
C SER B 8 -1.18 3.09 -35.09
N ILE B 9 -2.19 2.87 -34.24
CA ILE B 9 -2.07 3.24 -32.83
C ILE B 9 -1.03 2.38 -32.13
N LEU B 10 -1.06 1.06 -32.38
CA LEU B 10 -0.12 0.15 -31.72
C LEU B 10 1.32 0.42 -32.10
N ARG B 11 1.56 0.86 -33.34
CA ARG B 11 2.93 1.08 -33.81
C ARG B 11 3.67 2.07 -32.91
N THR B 12 2.93 2.95 -32.22
CA THR B 12 3.52 3.94 -31.34
C THR B 12 4.04 3.36 -30.03
N ILE B 13 3.69 2.12 -29.72
CA ILE B 13 4.06 1.52 -28.43
C ILE B 13 5.52 1.06 -28.52
N ALA B 14 6.36 1.59 -27.64
CA ALA B 14 7.78 1.33 -27.68
C ALA B 14 8.24 0.67 -26.38
N PRO B 15 9.32 -0.11 -26.42
CA PRO B 15 9.89 -0.62 -25.18
C PRO B 15 10.37 0.54 -24.31
N LEU B 16 10.55 0.27 -23.02
CA LEU B 16 11.02 1.31 -22.12
C LEU B 16 12.40 1.80 -22.53
N ASP B 17 12.69 3.05 -22.18
CA ASP B 17 13.96 3.70 -22.47
C ASP B 17 15.01 3.14 -21.52
N SER B 18 15.86 2.24 -22.04
CA SER B 18 16.84 1.54 -21.20
C SER B 18 17.89 2.49 -20.64
N LYS B 19 18.38 3.42 -21.46
CA LYS B 19 19.40 4.35 -20.97
C LYS B 19 18.84 5.26 -19.88
N ALA B 20 17.62 5.76 -20.06
CA ALA B 20 16.99 6.58 -19.03
C ALA B 20 16.83 5.81 -17.72
N MET B 21 16.46 4.52 -17.82
CA MET B 21 16.34 3.72 -16.61
C MET B 21 17.69 3.46 -15.96
N ALA B 22 18.75 3.32 -16.77
CA ALA B 22 20.09 3.16 -16.23
C ALA B 22 20.53 4.42 -15.48
N ARG B 23 20.18 5.59 -16.01
CA ARG B 23 20.53 6.83 -15.35
C ARG B 23 19.72 7.01 -14.07
N ALA B 24 18.46 6.61 -14.07
CA ALA B 24 17.65 6.66 -12.87
C ALA B 24 18.21 5.76 -11.78
N THR B 25 18.69 4.58 -12.15
CA THR B 25 19.28 3.68 -11.16
C THR B 25 20.50 4.30 -10.51
N THR B 26 21.33 4.99 -11.31
CA THR B 26 22.51 5.67 -10.77
C THR B 26 22.10 6.75 -9.77
N ARG B 27 21.11 7.55 -10.15
CA ARG B 27 20.63 8.63 -9.30
C ARG B 27 20.07 8.12 -7.97
N LEU B 28 19.34 7.02 -8.02
CA LEU B 28 18.74 6.45 -6.82
C LEU B 28 19.80 5.82 -5.93
N ASP B 29 20.80 5.17 -6.52
CA ASP B 29 21.87 4.59 -5.73
C ASP B 29 22.65 5.64 -4.97
N GLY B 30 22.70 6.87 -5.49
CA GLY B 30 23.43 7.95 -4.87
C GLY B 30 22.71 8.73 -3.80
N LEU B 31 21.43 8.43 -3.56
CA LEU B 31 20.67 9.17 -2.56
C LEU B 31 21.15 8.81 -1.15
N LEU B 32 20.75 9.64 -0.18
CA LEU B 32 21.23 9.51 1.19
C LEU B 32 20.45 8.41 1.91
N LYS B 33 20.79 7.17 1.56
CA LYS B 33 20.13 5.97 2.06
C LYS B 33 20.98 4.78 1.64
N PRO B 34 20.90 3.66 2.37
CA PRO B 34 21.58 2.45 1.90
C PRO B 34 21.08 2.06 0.52
N GLN B 35 22.01 1.57 -0.31
CA GLN B 35 21.68 1.20 -1.68
C GLN B 35 20.53 0.19 -1.69
N GLY B 36 19.53 0.45 -2.53
CA GLY B 36 18.41 -0.44 -2.72
C GLY B 36 17.40 -0.49 -1.59
N SER B 37 17.57 0.33 -0.54
CA SER B 37 16.76 0.16 0.65
C SER B 37 15.30 0.58 0.48
N LEU B 38 14.97 1.36 -0.54
CA LEU B 38 13.57 1.69 -0.78
C LEU B 38 12.92 0.74 -1.80
N GLY B 39 13.59 -0.36 -2.13
CA GLY B 39 13.01 -1.50 -2.80
C GLY B 39 12.13 -1.25 -4.00
N ARG B 40 10.88 -1.71 -3.93
CA ARG B 40 9.98 -1.60 -5.07
C ARG B 40 9.60 -0.15 -5.36
N LEU B 41 9.72 0.74 -4.37
CA LEU B 41 9.52 2.16 -4.66
C LEU B 41 10.61 2.67 -5.58
N GLU B 42 11.84 2.19 -5.41
CA GLU B 42 12.91 2.54 -6.32
C GLU B 42 12.66 1.98 -7.71
N GLN B 43 12.29 0.69 -7.79
CA GLN B 43 12.10 0.11 -9.12
C GLN B 43 10.90 0.74 -9.82
N LEU B 44 9.92 1.24 -9.07
CA LEU B 44 8.82 1.98 -9.68
C LEU B 44 9.29 3.31 -10.26
N ALA B 45 10.14 4.03 -9.53
CA ALA B 45 10.71 5.26 -10.08
C ALA B 45 11.57 4.96 -11.30
N ILE B 46 12.25 3.82 -11.33
CA ILE B 46 13.07 3.45 -12.49
C ILE B 46 12.18 3.09 -13.67
N GLN B 47 11.13 2.30 -13.43
CA GLN B 47 10.19 1.96 -14.50
C GLN B 47 9.57 3.23 -15.09
N LEU B 48 9.22 4.19 -14.24
CA LEU B 48 8.66 5.45 -14.74
C LEU B 48 9.68 6.24 -15.54
N ALA B 49 10.96 6.18 -15.15
CA ALA B 49 12.00 6.85 -15.92
C ALA B 49 12.08 6.32 -17.34
N GLY B 50 11.68 5.07 -17.57
CA GLY B 50 11.72 4.49 -18.89
C GLY B 50 10.56 4.84 -19.79
N MET B 51 9.55 5.53 -19.26
CA MET B 51 8.34 5.84 -20.01
C MET B 51 8.51 7.20 -20.67
N ARG B 52 8.66 7.20 -22.00
CA ARG B 52 9.05 8.41 -22.72
C ARG B 52 7.94 9.46 -22.75
N GLY B 53 6.68 9.08 -22.45
CA GLY B 53 5.64 10.09 -22.37
C GLY B 53 5.77 11.00 -21.15
N LEU B 54 6.49 10.55 -20.12
CA LEU B 54 6.71 11.30 -18.91
C LEU B 54 7.92 12.22 -19.05
N TYR B 55 7.89 13.34 -18.33
CA TYR B 55 9.07 14.18 -18.20
C TYR B 55 9.28 14.52 -16.74
N GLY B 56 10.53 14.39 -16.28
CA GLY B 56 10.92 14.83 -14.95
C GLY B 56 10.16 14.17 -13.82
N HIS B 57 9.63 12.95 -14.03
CA HIS B 57 8.78 12.28 -13.05
C HIS B 57 7.66 13.20 -12.58
N GLN B 58 7.13 13.99 -13.51
CA GLN B 58 5.97 14.86 -13.28
C GLN B 58 4.72 14.03 -13.47
N VAL B 59 3.97 13.79 -12.38
CA VAL B 59 2.79 12.93 -12.46
C VAL B 59 1.60 13.58 -11.78
N ASP B 60 1.57 14.92 -11.80
CA ASP B 60 0.51 15.68 -11.13
CA ASP B 60 0.51 15.71 -11.17
C ASP B 60 -0.87 15.23 -11.58
N ARG B 61 -1.15 15.30 -12.87
CA ARG B 61 -2.49 15.04 -13.39
C ARG B 61 -2.70 13.55 -13.61
N LYS B 62 -3.70 12.99 -12.92
CA LYS B 62 -4.02 11.57 -13.00
C LYS B 62 -5.49 11.40 -13.33
N GLN B 63 -5.80 10.33 -14.06
CA GLN B 63 -7.17 10.11 -14.53
C GLN B 63 -7.49 8.63 -14.52
N ILE B 64 -8.55 8.26 -13.82
CA ILE B 64 -9.06 6.90 -13.81
C ILE B 64 -10.23 6.85 -14.78
N ILE B 65 -10.12 6.06 -15.83
CA ILE B 65 -11.19 5.92 -16.80
C ILE B 65 -11.99 4.68 -16.46
N VAL B 66 -13.28 4.86 -16.19
CA VAL B 66 -14.16 3.78 -15.77
C VAL B 66 -15.07 3.43 -16.94
N MET B 67 -15.01 2.18 -17.39
CA MET B 67 -15.77 1.67 -18.52
C MET B 67 -16.98 0.89 -18.01
N ALA B 68 -18.18 1.35 -18.37
CA ALA B 68 -19.42 0.76 -17.87
C ALA B 68 -20.16 0.07 -19.01
N ALA B 69 -20.62 -1.16 -18.76
CA ALA B 69 -21.40 -1.87 -19.78
C ALA B 69 -22.17 -2.98 -19.10
N ASP B 70 -23.29 -3.34 -19.70
CA ASP B 70 -24.05 -4.50 -19.26
C ASP B 70 -23.71 -5.68 -20.16
N HIS B 71 -24.07 -6.87 -19.68
CA HIS B 71 -23.56 -8.13 -20.23
C HIS B 71 -24.72 -9.08 -20.51
N GLY B 72 -24.70 -9.68 -21.70
CA GLY B 72 -25.76 -10.60 -22.06
C GLY B 72 -25.83 -11.81 -21.14
N VAL B 73 -24.68 -12.27 -20.64
CA VAL B 73 -24.67 -13.44 -19.78
C VAL B 73 -25.39 -13.21 -18.46
N TYR B 74 -25.77 -11.95 -18.16
CA TYR B 74 -26.71 -11.70 -17.08
C TYR B 74 -27.94 -12.59 -17.21
N ASP B 75 -28.33 -12.93 -18.45
CA ASP B 75 -29.49 -13.78 -18.67
C ASP B 75 -29.34 -15.15 -18.01
N GLU B 76 -28.12 -15.61 -17.79
CA GLU B 76 -27.94 -16.93 -17.18
C GLU B 76 -28.07 -16.91 -15.66
N GLY B 77 -28.35 -15.75 -15.06
CA GLY B 77 -28.56 -15.68 -13.62
C GLY B 77 -27.31 -15.70 -12.78
N VAL B 78 -26.17 -15.26 -13.32
CA VAL B 78 -24.90 -15.39 -12.62
C VAL B 78 -24.51 -14.15 -11.85
N ALA B 79 -25.22 -13.03 -12.02
CA ALA B 79 -24.86 -11.79 -11.35
C ALA B 79 -25.37 -11.79 -9.91
N ILE B 80 -24.61 -11.11 -9.04
CA ILE B 80 -24.96 -11.07 -7.62
C ILE B 80 -26.03 -10.01 -7.33
N SER B 81 -26.16 -9.01 -8.18
CA SER B 81 -27.08 -7.89 -8.01
C SER B 81 -27.93 -7.67 -9.26
N PRO B 82 -29.06 -6.96 -9.12
CA PRO B 82 -29.90 -6.68 -10.29
C PRO B 82 -29.16 -5.89 -11.36
N ARG B 83 -29.56 -6.14 -12.61
CA ARG B 83 -28.88 -5.55 -13.77
C ARG B 83 -28.86 -4.03 -13.70
N VAL B 84 -29.95 -3.42 -13.22
CA VAL B 84 -30.06 -1.96 -13.22
C VAL B 84 -28.95 -1.29 -12.43
N VAL B 85 -28.21 -2.06 -11.61
CA VAL B 85 -27.15 -1.48 -10.80
C VAL B 85 -26.11 -0.78 -11.67
N THR B 86 -25.81 -1.35 -12.85
CA THR B 86 -24.82 -0.73 -13.73
C THR B 86 -25.20 0.72 -14.04
N MET B 87 -26.46 0.93 -14.44
CA MET B 87 -26.92 2.28 -14.75
C MET B 87 -26.94 3.16 -13.51
N VAL B 88 -27.49 2.65 -12.42
CA VAL B 88 -27.60 3.43 -11.20
C VAL B 88 -26.22 3.83 -10.68
N GLN B 89 -25.28 2.88 -10.70
CA GLN B 89 -23.93 3.18 -10.22
C GLN B 89 -23.22 4.15 -11.15
N ALA B 90 -23.45 4.03 -12.47
CA ALA B 90 -22.91 5.02 -13.39
C ALA B 90 -23.39 6.41 -13.03
N LEU B 91 -24.68 6.55 -12.69
CA LEU B 91 -25.20 7.85 -12.28
C LEU B 91 -24.62 8.29 -10.94
N ASN B 92 -24.34 7.33 -10.05
CA ASN B 92 -23.70 7.69 -8.78
C ASN B 92 -22.29 8.18 -9.01
N MET B 93 -21.60 7.66 -10.02
CA MET B 93 -20.26 8.17 -10.37
C MET B 93 -20.32 9.65 -10.70
N VAL B 94 -21.28 10.05 -11.53
CA VAL B 94 -21.42 11.45 -11.90
C VAL B 94 -21.58 12.31 -10.65
N ARG B 95 -22.35 11.82 -9.67
CA ARG B 95 -22.55 12.56 -8.42
C ARG B 95 -21.31 12.52 -7.52
N GLY B 96 -20.36 11.64 -7.78
CA GLY B 96 -19.14 11.58 -7.00
C GLY B 96 -19.23 10.88 -5.68
N VAL B 97 -20.19 9.96 -5.52
CA VAL B 97 -20.44 9.31 -4.23
C VAL B 97 -20.00 7.86 -4.21
N THR B 98 -19.41 7.34 -5.29
CA THR B 98 -18.99 5.94 -5.33
C THR B 98 -17.63 5.78 -4.69
N GLY B 99 -17.25 4.51 -4.50
CA GLY B 99 -15.97 4.21 -3.89
C GLY B 99 -14.80 4.79 -4.66
N VAL B 100 -14.79 4.59 -5.99
CA VAL B 100 -13.67 5.09 -6.77
C VAL B 100 -13.64 6.62 -6.73
N CYS B 101 -14.81 7.25 -6.71
CA CYS B 101 -14.86 8.72 -6.71
C CYS B 101 -14.20 9.30 -5.46
N VAL B 102 -14.55 8.78 -4.29
CA VAL B 102 -14.01 9.36 -3.06
C VAL B 102 -12.55 8.98 -2.87
N LEU B 103 -12.16 7.80 -3.34
CA LEU B 103 -10.75 7.41 -3.23
C LEU B 103 -9.90 8.16 -4.24
N ALA B 104 -10.43 8.36 -5.44
CA ALA B 104 -9.71 9.16 -6.43
C ALA B 104 -9.54 10.59 -5.97
N ALA B 105 -10.60 11.19 -5.41
CA ALA B 105 -10.48 12.53 -4.84
C ALA B 105 -9.39 12.58 -3.78
N ASN B 106 -9.34 11.59 -2.90
CA ASN B 106 -8.32 11.56 -1.86
C ASN B 106 -6.93 11.44 -2.46
N ALA B 107 -6.81 10.81 -3.62
CA ALA B 107 -5.53 10.67 -4.31
C ALA B 107 -5.28 11.80 -5.31
N GLY B 108 -6.22 12.73 -5.44
CA GLY B 108 -6.05 13.81 -6.39
C GLY B 108 -6.15 13.40 -7.84
N ALA B 109 -6.91 12.34 -8.14
CA ALA B 109 -7.11 11.88 -9.50
C ALA B 109 -8.51 12.23 -9.96
N GLU B 110 -8.65 12.50 -11.25
CA GLU B 110 -9.95 12.64 -11.88
C GLU B 110 -10.54 11.26 -12.16
N VAL B 111 -11.86 11.23 -12.30
CA VAL B 111 -12.58 10.03 -12.73
C VAL B 111 -13.37 10.40 -13.98
N LYS B 112 -13.23 9.58 -15.02
CA LYS B 112 -13.95 9.75 -16.27
C LYS B 112 -14.80 8.49 -16.45
N ILE B 113 -16.12 8.67 -16.46
CA ILE B 113 -17.05 7.55 -16.57
C ILE B 113 -17.52 7.46 -18.01
N VAL B 114 -17.35 6.29 -18.62
CA VAL B 114 -17.59 6.09 -20.04
C VAL B 114 -18.61 4.96 -20.21
N ASP B 115 -19.69 5.25 -20.92
CA ASP B 115 -20.70 4.27 -21.25
C ASP B 115 -20.28 3.59 -22.55
N VAL B 116 -19.82 2.33 -22.47
CA VAL B 116 -19.53 1.56 -23.67
C VAL B 116 -20.56 0.49 -23.94
N GLY B 117 -21.56 0.31 -23.06
CA GLY B 117 -22.61 -0.64 -23.36
C GLY B 117 -23.66 -0.84 -22.28
N ILE B 118 -23.96 0.21 -21.52
CA ILE B 118 -25.00 0.10 -20.50
C ILE B 118 -26.33 -0.16 -21.17
N ASP B 119 -27.13 -1.04 -20.55
CA ASP B 119 -28.49 -1.32 -21.03
C ASP B 119 -29.43 -0.22 -20.50
N SER B 120 -29.38 0.92 -21.18
CA SER B 120 -30.12 2.10 -20.76
C SER B 120 -30.14 3.10 -21.90
N ASP B 121 -31.00 4.11 -21.76
CA ASP B 121 -30.90 5.29 -22.61
C ASP B 121 -29.59 6.02 -22.29
N THR B 122 -29.24 6.96 -23.17
CA THR B 122 -28.11 7.84 -22.94
C THR B 122 -28.19 8.47 -21.54
N LEU B 123 -27.05 8.53 -20.84
CA LEU B 123 -27.03 9.01 -19.46
C LEU B 123 -26.35 10.36 -19.37
N PRO B 124 -26.96 11.34 -18.68
CA PRO B 124 -26.31 12.65 -18.55
C PRO B 124 -25.04 12.56 -17.71
N GLY B 125 -24.03 13.34 -18.10
CA GLY B 125 -22.77 13.36 -17.39
C GLY B 125 -21.83 12.21 -17.71
N VAL B 126 -22.28 11.25 -18.50
CA VAL B 126 -21.48 10.07 -18.85
C VAL B 126 -21.10 10.17 -20.32
N ILE B 127 -19.86 9.82 -20.63
CA ILE B 127 -19.39 9.86 -22.01
C ILE B 127 -20.08 8.77 -22.81
N ASP B 128 -20.71 9.17 -23.92
CA ASP B 128 -21.48 8.23 -24.76
C ASP B 128 -20.51 7.58 -25.74
N MET B 129 -20.08 6.37 -25.40
CA MET B 129 -19.33 5.49 -26.29
C MET B 129 -20.08 4.16 -26.47
N LYS B 130 -21.41 4.21 -26.34
CA LYS B 130 -22.22 3.00 -26.17
C LYS B 130 -22.28 2.21 -27.46
N VAL B 131 -21.74 1.00 -27.44
CA VAL B 131 -21.81 0.13 -28.63
C VAL B 131 -23.21 -0.42 -28.78
N ALA B 132 -23.80 -0.93 -27.70
CA ALA B 132 -25.13 -1.52 -27.73
C ALA B 132 -25.65 -1.57 -26.30
N ARG B 133 -26.95 -1.83 -26.17
CA ARG B 133 -27.56 -1.96 -24.84
C ARG B 133 -27.23 -3.35 -24.28
N GLY B 134 -25.98 -3.47 -23.82
CA GLY B 134 -25.47 -4.72 -23.31
C GLY B 134 -24.87 -5.60 -24.39
N SER B 135 -23.94 -6.45 -23.97
CA SER B 135 -23.27 -7.35 -24.90
C SER B 135 -24.14 -8.55 -25.21
N GLY B 136 -23.72 -9.33 -26.19
CA GLY B 136 -24.31 -10.64 -26.40
C GLY B 136 -24.00 -11.58 -25.25
N ASN B 137 -24.86 -12.59 -25.10
CA ASN B 137 -24.73 -13.59 -24.04
C ASN B 137 -23.61 -14.55 -24.43
N ILE B 138 -22.46 -14.44 -23.74
CA ILE B 138 -21.31 -15.24 -24.13
C ILE B 138 -21.54 -16.72 -23.92
N ALA B 139 -22.54 -17.09 -23.10
CA ALA B 139 -22.85 -18.50 -22.95
C ALA B 139 -23.50 -19.09 -24.21
N ARG B 140 -24.11 -18.25 -25.05
CA ARG B 140 -24.83 -18.72 -26.22
C ARG B 140 -24.18 -18.31 -27.53
N GLY B 141 -23.13 -17.50 -27.49
CA GLY B 141 -22.53 -16.95 -28.70
C GLY B 141 -21.53 -15.88 -28.30
N ALA B 142 -21.12 -15.09 -29.28
CA ALA B 142 -20.08 -14.09 -29.03
C ALA B 142 -20.64 -12.89 -28.28
N ALA B 143 -19.78 -12.26 -27.47
CA ALA B 143 -20.16 -11.00 -26.85
C ALA B 143 -20.40 -9.92 -27.92
N MET B 144 -19.61 -9.93 -28.98
CA MET B 144 -19.65 -8.90 -30.01
C MET B 144 -18.93 -9.43 -31.23
N THR B 145 -19.08 -8.74 -32.36
CA THR B 145 -18.31 -9.10 -33.53
C THR B 145 -16.86 -8.66 -33.35
N ARG B 146 -15.98 -9.25 -34.15
CA ARG B 146 -14.59 -8.82 -34.11
C ARG B 146 -14.48 -7.33 -34.46
N GLN B 147 -15.24 -6.88 -35.46
CA GLN B 147 -15.21 -5.48 -35.86
C GLN B 147 -15.64 -4.59 -34.71
N GLN B 148 -16.67 -5.01 -33.97
CA GLN B 148 -17.13 -4.22 -32.83
C GLN B 148 -16.02 -4.08 -31.80
N ALA B 149 -15.32 -5.17 -31.50
CA ALA B 149 -14.24 -5.10 -30.52
C ALA B 149 -13.11 -4.21 -31.01
N GLU B 150 -12.73 -4.36 -32.28
CA GLU B 150 -11.64 -3.56 -32.83
C GLU B 150 -12.00 -2.08 -32.86
N ASP B 151 -13.22 -1.75 -33.28
CA ASP B 151 -13.63 -0.35 -33.33
C ASP B 151 -13.70 0.26 -31.94
N LEU B 152 -14.07 -0.53 -30.92
CA LEU B 152 -14.13 0.01 -29.56
C LEU B 152 -12.73 0.16 -28.96
N LEU B 153 -11.81 -0.76 -29.27
CA LEU B 153 -10.42 -0.57 -28.90
C LEU B 153 -9.90 0.73 -29.48
N ILE B 154 -10.18 0.98 -30.75
CA ILE B 154 -9.72 2.21 -31.41
C ILE B 154 -10.31 3.44 -30.71
N ALA B 155 -11.62 3.40 -30.45
CA ALA B 155 -12.29 4.55 -29.87
C ALA B 155 -11.77 4.84 -28.47
N SER B 156 -11.57 3.79 -27.67
CA SER B 156 -11.14 3.98 -26.29
C SER B 156 -9.66 4.35 -26.22
N ALA B 157 -8.83 3.78 -27.11
CA ALA B 157 -7.44 4.21 -27.19
C ALA B 157 -7.34 5.66 -27.69
N THR B 158 -8.18 6.03 -28.65
CA THR B 158 -8.16 7.40 -29.15
C THR B 158 -8.54 8.39 -28.07
N LEU B 159 -9.58 8.06 -27.29
CA LEU B 159 -9.97 8.91 -26.15
C LEU B 159 -8.81 9.07 -25.18
N THR B 160 -8.15 7.96 -24.85
CA THR B 160 -7.00 8.01 -23.95
C THR B 160 -5.89 8.88 -24.51
N LEU B 161 -5.61 8.76 -25.80
CA LEU B 161 -4.56 9.58 -26.42
C LEU B 161 -4.92 11.05 -26.38
N GLN B 162 -6.21 11.37 -26.57
CA GLN B 162 -6.65 12.75 -26.45
C GLN B 162 -6.43 13.28 -25.04
N GLN B 163 -6.70 12.44 -24.03
CA GLN B 163 -6.48 12.86 -22.65
C GLN B 163 -5.00 13.07 -22.38
N ALA B 164 -4.15 12.22 -22.97
CA ALA B 164 -2.71 12.42 -22.86
C ALA B 164 -2.30 13.77 -23.43
N ALA B 165 -2.80 14.10 -24.62
CA ALA B 165 -2.47 15.39 -25.22
C ALA B 165 -3.03 16.55 -24.39
N GLY B 166 -4.10 16.30 -23.65
CA GLY B 166 -4.65 17.29 -22.74
C GLY B 166 -3.89 17.44 -21.44
N GLY B 167 -2.88 16.62 -21.19
CA GLY B 167 -2.03 16.80 -20.02
C GLY B 167 -2.08 15.69 -18.98
N VAL B 168 -2.90 14.66 -19.15
CA VAL B 168 -2.94 13.59 -18.17
C VAL B 168 -1.61 12.85 -18.20
N LYS B 169 -1.03 12.64 -17.01
CA LYS B 169 0.25 11.97 -16.88
CA LYS B 169 0.25 11.97 -16.86
C LYS B 169 0.14 10.52 -16.42
N VAL B 170 -0.86 10.19 -15.61
CA VAL B 170 -1.04 8.84 -15.12
C VAL B 170 -2.48 8.42 -15.36
N PHE B 171 -2.66 7.28 -16.01
CA PHE B 171 -3.98 6.71 -16.21
C PHE B 171 -4.22 5.58 -15.21
N GLY B 172 -5.50 5.38 -14.88
CA GLY B 172 -5.94 4.17 -14.23
C GLY B 172 -7.18 3.67 -14.95
N VAL B 173 -7.54 2.42 -14.67
CA VAL B 173 -8.71 1.81 -15.29
C VAL B 173 -9.63 1.26 -14.21
N GLY B 174 -10.92 1.25 -14.53
CA GLY B 174 -11.93 0.63 -13.68
C GLY B 174 -13.08 0.24 -14.58
N GLU B 175 -14.02 -0.47 -14.01
CA GLU B 175 -15.21 -0.85 -14.73
C GLU B 175 -16.46 -0.93 -13.88
N LEU B 176 -17.60 -0.86 -14.55
CA LEU B 176 -18.89 -1.11 -13.93
C LEU B 176 -19.64 -2.06 -14.85
N GLY B 177 -20.18 -3.14 -14.30
CA GLY B 177 -20.92 -4.04 -15.16
C GLY B 177 -21.44 -5.26 -14.45
N MET B 178 -22.75 -5.32 -14.26
CA MET B 178 -23.34 -6.46 -13.58
C MET B 178 -23.09 -7.72 -14.39
N ALA B 179 -22.58 -8.75 -13.71
CA ALA B 179 -22.22 -10.06 -14.20
C ALA B 179 -20.86 -10.07 -14.89
N ASN B 180 -20.08 -8.99 -14.83
CA ASN B 180 -18.87 -9.00 -15.67
C ASN B 180 -17.74 -9.85 -15.11
N THR B 181 -17.87 -10.41 -13.90
CA THR B 181 -16.84 -11.35 -13.47
C THR B 181 -16.94 -12.70 -14.20
N THR B 182 -18.06 -12.95 -14.88
CA THR B 182 -18.19 -14.20 -15.62
C THR B 182 -17.40 -14.12 -16.93
N PRO B 183 -17.57 -13.09 -17.78
CA PRO B 183 -16.63 -12.94 -18.91
C PRO B 183 -15.18 -12.81 -18.48
N ALA B 184 -14.92 -12.10 -17.38
CA ALA B 184 -13.55 -11.97 -16.88
C ALA B 184 -12.96 -13.34 -16.58
N ALA B 185 -13.72 -14.19 -15.89
CA ALA B 185 -13.24 -15.54 -15.61
C ALA B 185 -13.03 -16.33 -16.91
N ALA B 186 -13.94 -16.15 -17.88
CA ALA B 186 -13.78 -16.83 -19.16
C ALA B 186 -12.47 -16.43 -19.81
N MET B 187 -12.20 -15.12 -19.88
CA MET B 187 -10.97 -14.65 -20.51
C MET B 187 -9.74 -15.17 -19.80
N VAL B 188 -9.74 -15.12 -18.46
CA VAL B 188 -8.58 -15.58 -17.70
C VAL B 188 -8.38 -17.07 -17.93
N SER B 189 -9.47 -17.84 -17.92
CA SER B 189 -9.37 -19.27 -18.17
C SER B 189 -8.72 -19.53 -19.52
N VAL B 190 -9.18 -18.83 -20.55
CA VAL B 190 -8.66 -19.05 -21.90
C VAL B 190 -7.22 -18.61 -22.01
N PHE B 191 -6.91 -17.42 -21.49
CA PHE B 191 -5.57 -16.85 -21.63
C PHE B 191 -4.53 -17.65 -20.88
N THR B 192 -4.88 -18.20 -19.71
CA THR B 192 -3.91 -18.87 -18.87
C THR B 192 -3.98 -20.39 -18.98
N ASP B 193 -4.83 -20.92 -19.86
CA ASP B 193 -5.00 -22.36 -20.01
C ASP B 193 -5.32 -23.03 -18.67
N SER B 194 -6.31 -22.46 -17.98
CA SER B 194 -6.78 -22.96 -16.69
C SER B 194 -8.22 -23.41 -16.82
N ASP B 195 -8.56 -24.48 -16.13
CA ASP B 195 -9.97 -24.86 -16.04
C ASP B 195 -10.75 -23.74 -15.36
N PRO B 196 -11.96 -23.45 -15.81
CA PRO B 196 -12.75 -22.36 -15.18
C PRO B 196 -12.93 -22.51 -13.68
N GLU B 197 -12.90 -23.75 -13.16
CA GLU B 197 -13.00 -23.95 -11.72
C GLU B 197 -11.93 -23.18 -10.96
N LEU B 198 -10.75 -22.98 -11.58
CA LEU B 198 -9.68 -22.25 -10.92
C LEU B 198 -9.85 -20.74 -11.04
N ALA B 199 -10.60 -20.27 -12.03
CA ALA B 199 -10.69 -18.85 -12.32
C ALA B 199 -12.02 -18.23 -11.91
N VAL B 200 -13.01 -19.04 -11.53
CA VAL B 200 -14.35 -18.55 -11.21
C VAL B 200 -14.44 -18.35 -9.70
N GLY B 201 -14.86 -17.16 -9.29
CA GLY B 201 -15.05 -16.85 -7.89
C GLY B 201 -16.36 -16.15 -7.59
N PRO B 207 -18.69 -25.01 -3.15
CA PRO B 207 -19.79 -25.84 -2.65
C PRO B 207 -21.17 -25.34 -3.07
N SER B 208 -21.32 -24.03 -3.17
CA SER B 208 -22.65 -23.45 -3.34
C SER B 208 -23.19 -23.70 -4.74
N GLU B 209 -24.52 -23.85 -4.80
CA GLU B 209 -25.21 -24.04 -6.07
C GLU B 209 -24.89 -22.93 -7.07
N GLN B 210 -24.75 -21.70 -6.58
CA GLN B 210 -24.46 -20.57 -7.46
C GLN B 210 -23.06 -20.67 -8.06
N LEU B 211 -22.07 -21.05 -7.25
CA LEU B 211 -20.71 -21.16 -7.78
C LEU B 211 -20.60 -22.28 -8.80
N HIS B 212 -21.22 -23.43 -8.51
CA HIS B 212 -21.26 -24.52 -9.48
C HIS B 212 -21.90 -24.07 -10.79
N HIS B 213 -23.00 -23.32 -10.71
CA HIS B 213 -23.65 -22.85 -11.93
C HIS B 213 -22.77 -21.86 -12.69
N LYS B 214 -22.09 -20.98 -11.96
CA LYS B 214 -21.26 -19.97 -12.61
C LYS B 214 -20.10 -20.64 -13.35
N VAL B 215 -19.48 -21.64 -12.73
CA VAL B 215 -18.42 -22.39 -13.42
C VAL B 215 -18.96 -23.02 -14.69
N ALA B 216 -20.15 -23.64 -14.60
CA ALA B 216 -20.74 -24.28 -15.77
C ALA B 216 -21.01 -23.28 -16.89
N VAL B 217 -21.48 -22.08 -16.52
CA VAL B 217 -21.76 -21.05 -17.53
C VAL B 217 -20.47 -20.62 -18.22
N VAL B 218 -19.39 -20.43 -17.45
CA VAL B 218 -18.12 -20.05 -18.05
C VAL B 218 -17.61 -21.16 -18.98
N ARG B 219 -17.67 -22.41 -18.51
CA ARG B 219 -17.30 -23.56 -19.34
C ARG B 219 -18.08 -23.56 -20.64
N ARG B 220 -19.39 -23.30 -20.56
CA ARG B 220 -20.22 -23.32 -21.76
C ARG B 220 -19.85 -22.18 -22.70
N ALA B 221 -19.53 -21.01 -22.15
CA ALA B 221 -19.15 -19.88 -23.00
C ALA B 221 -17.88 -20.19 -23.79
N ILE B 222 -16.89 -20.82 -23.14
CA ILE B 222 -15.67 -21.19 -23.84
C ILE B 222 -15.96 -22.26 -24.87
N GLU B 223 -16.75 -23.26 -24.50
CA GLU B 223 -17.03 -24.37 -25.42
C GLU B 223 -17.82 -23.89 -26.62
N THR B 224 -18.78 -22.99 -26.40
CA THR B 224 -19.59 -22.46 -27.50
C THR B 224 -18.75 -21.61 -28.45
N ASN B 225 -17.87 -20.77 -27.90
CA ASN B 225 -17.19 -19.78 -28.73
C ASN B 225 -15.83 -20.26 -29.24
N GLN B 226 -15.20 -21.21 -28.57
CA GLN B 226 -13.87 -21.71 -28.90
C GLN B 226 -12.91 -20.57 -29.29
N PRO B 227 -12.69 -19.60 -28.40
CA PRO B 227 -11.81 -18.49 -28.76
C PRO B 227 -10.38 -18.94 -28.94
N ASP B 228 -9.66 -18.19 -29.78
CA ASP B 228 -8.25 -18.44 -30.03
C ASP B 228 -7.44 -17.69 -28.99
N ALA B 229 -6.85 -18.43 -28.05
CA ALA B 229 -6.21 -17.82 -26.89
C ALA B 229 -5.03 -16.94 -27.27
N SER B 230 -4.39 -17.21 -28.41
CA SER B 230 -3.26 -16.40 -28.85
C SER B 230 -3.69 -15.04 -29.42
N ASP B 231 -4.98 -14.82 -29.58
CA ASP B 231 -5.52 -13.65 -30.26
C ASP B 231 -6.32 -12.87 -29.22
N GLY B 232 -5.73 -11.80 -28.70
CA GLY B 232 -6.39 -11.03 -27.65
C GLY B 232 -7.71 -10.43 -28.09
N ILE B 233 -7.79 -9.99 -29.34
CA ILE B 233 -9.05 -9.41 -29.82
C ILE B 233 -10.12 -10.49 -29.94
N ASP B 234 -9.76 -11.67 -30.44
CA ASP B 234 -10.73 -12.75 -30.58
C ASP B 234 -11.32 -13.14 -29.22
N VAL B 235 -10.46 -13.25 -28.21
CA VAL B 235 -10.94 -13.60 -26.87
C VAL B 235 -11.88 -12.51 -26.34
N LEU B 236 -11.48 -11.25 -26.49
CA LEU B 236 -12.34 -10.15 -26.04
C LEU B 236 -13.68 -10.18 -26.75
N ALA B 237 -13.67 -10.38 -28.07
CA ALA B 237 -14.92 -10.32 -28.82
C ALA B 237 -15.83 -11.49 -28.48
N LYS B 238 -15.25 -12.67 -28.30
CA LYS B 238 -16.05 -13.87 -28.13
C LYS B 238 -16.55 -14.03 -26.70
N VAL B 239 -15.66 -13.93 -25.70
CA VAL B 239 -16.06 -14.21 -24.33
C VAL B 239 -15.78 -13.03 -23.40
N GLY B 240 -15.58 -11.84 -23.95
CA GLY B 240 -15.37 -10.65 -23.12
C GLY B 240 -16.64 -9.84 -22.98
N GLY B 241 -16.48 -8.52 -22.98
CA GLY B 241 -17.59 -7.59 -22.92
C GLY B 241 -17.08 -6.20 -23.25
N PHE B 242 -18.01 -5.25 -23.36
CA PHE B 242 -17.63 -3.91 -23.81
C PHE B 242 -16.77 -3.20 -22.78
N ASP B 243 -17.05 -3.37 -21.50
CA ASP B 243 -16.23 -2.74 -20.47
C ASP B 243 -14.81 -3.31 -20.50
N LEU B 244 -14.68 -4.62 -20.69
CA LEU B 244 -13.36 -5.23 -20.77
C LEU B 244 -12.60 -4.74 -22.00
N VAL B 245 -13.28 -4.60 -23.14
CA VAL B 245 -12.63 -4.06 -24.33
C VAL B 245 -12.16 -2.64 -24.07
N GLY B 246 -13.03 -1.80 -23.49
CA GLY B 246 -12.65 -0.43 -23.23
C GLY B 246 -11.43 -0.29 -22.34
N MET B 247 -11.36 -1.11 -21.29
CA MET B 247 -10.19 -1.07 -20.40
C MET B 247 -8.93 -1.47 -21.16
N THR B 248 -9.03 -2.50 -22.00
CA THR B 248 -7.89 -2.86 -22.84
C THR B 248 -7.49 -1.68 -23.73
N GLY B 249 -8.48 -0.98 -24.27
CA GLY B 249 -8.19 0.15 -25.13
C GLY B 249 -7.46 1.27 -24.39
N VAL B 250 -7.82 1.50 -23.14
CA VAL B 250 -7.13 2.53 -22.35
C VAL B 250 -5.68 2.14 -22.14
N MET B 251 -5.43 0.86 -21.89
CA MET B 251 -4.05 0.40 -21.71
C MET B 251 -3.24 0.57 -22.99
N LEU B 252 -3.84 0.22 -24.13
CA LEU B 252 -3.16 0.39 -25.41
C LEU B 252 -2.86 1.86 -25.71
N GLY B 253 -3.83 2.74 -25.43
CA GLY B 253 -3.62 4.16 -25.68
C GLY B 253 -2.58 4.78 -24.77
N ALA B 254 -2.59 4.41 -23.48
CA ALA B 254 -1.58 4.91 -22.56
C ALA B 254 -0.19 4.43 -22.98
N ALA B 255 -0.07 3.15 -23.32
CA ALA B 255 1.22 2.64 -23.79
C ALA B 255 1.65 3.34 -25.07
N ALA B 256 0.71 3.62 -25.98
CA ALA B 256 1.07 4.31 -27.21
C ALA B 256 1.58 5.72 -26.92
N ALA B 257 1.00 6.39 -25.91
CA ALA B 257 1.48 7.70 -25.48
C ALA B 257 2.76 7.61 -24.64
N GLY B 258 3.19 6.41 -24.27
CA GLY B 258 4.37 6.27 -23.42
C GLY B 258 4.11 6.63 -21.98
N LEU B 259 2.89 6.45 -21.50
CA LEU B 259 2.47 6.85 -20.17
C LEU B 259 2.01 5.66 -19.35
N PRO B 260 2.14 5.72 -18.02
CA PRO B 260 1.76 4.59 -17.18
C PRO B 260 0.26 4.44 -17.06
N VAL B 261 -0.19 3.21 -16.87
CA VAL B 261 -1.60 2.94 -16.58
C VAL B 261 -1.67 1.99 -15.40
N VAL B 262 -2.43 2.39 -14.38
CA VAL B 262 -2.52 1.64 -13.13
C VAL B 262 -3.68 0.66 -13.21
N LEU B 263 -3.40 -0.61 -12.94
CA LEU B 263 -4.44 -1.62 -12.97
C LEU B 263 -5.30 -1.53 -11.71
N ASP B 264 -6.51 -2.09 -11.81
CA ASP B 264 -7.37 -2.18 -10.65
C ASP B 264 -7.33 -3.61 -10.11
N GLY B 265 -8.42 -4.36 -10.30
CA GLY B 265 -8.46 -5.72 -9.79
C GLY B 265 -8.69 -6.76 -10.88
N PHE B 266 -9.49 -7.78 -10.55
CA PHE B 266 -9.64 -8.97 -11.39
C PHE B 266 -10.08 -8.61 -12.81
N LEU B 267 -11.10 -7.76 -12.95
CA LEU B 267 -11.58 -7.40 -14.27
C LEU B 267 -10.48 -6.75 -15.11
N SER B 268 -9.70 -5.87 -14.50
CA SER B 268 -8.62 -5.22 -15.25
C SER B 268 -7.51 -6.20 -15.60
N TYR B 269 -7.30 -7.24 -14.79
CA TYR B 269 -6.30 -8.25 -15.15
C TYR B 269 -6.68 -8.95 -16.45
N ALA B 270 -7.96 -9.29 -16.61
CA ALA B 270 -8.42 -9.88 -17.86
C ALA B 270 -8.16 -8.95 -19.03
N SER B 271 -8.45 -7.66 -18.87
CA SER B 271 -8.18 -6.70 -19.94
C SER B 271 -6.68 -6.58 -20.21
N ALA B 272 -5.86 -6.64 -19.15
CA ALA B 272 -4.41 -6.52 -19.32
C ALA B 272 -3.84 -7.73 -20.04
N LEU B 273 -4.35 -8.92 -19.72
CA LEU B 273 -3.93 -10.11 -20.44
C LEU B 273 -4.22 -9.97 -21.93
N ALA B 274 -5.41 -9.47 -22.27
CA ALA B 274 -5.75 -9.23 -23.66
C ALA B 274 -4.85 -8.16 -24.26
N ALA B 275 -4.61 -7.08 -23.52
CA ALA B 275 -3.75 -6.01 -24.02
C ALA B 275 -2.37 -6.54 -24.36
N CYS B 276 -1.82 -7.42 -23.50
CA CYS B 276 -0.48 -7.95 -23.74
C CYS B 276 -0.46 -8.96 -24.87
N ARG B 277 -1.56 -9.69 -25.09
CA ARG B 277 -1.65 -10.53 -26.29
C ARG B 277 -1.57 -9.69 -27.55
N ILE B 278 -2.21 -8.53 -27.53
CA ILE B 278 -2.30 -7.67 -28.70
C ILE B 278 -0.95 -7.02 -29.00
N GLU B 279 -0.26 -6.55 -27.97
CA GLU B 279 1.06 -5.94 -28.14
C GLU B 279 1.83 -6.17 -26.84
N ALA B 280 2.82 -7.05 -26.88
CA ALA B 280 3.54 -7.43 -25.67
C ALA B 280 4.16 -6.21 -24.97
N LYS B 281 4.59 -5.21 -25.74
CA LYS B 281 5.24 -4.03 -25.17
C LYS B 281 4.33 -3.23 -24.23
N VAL B 282 3.04 -3.51 -24.20
CA VAL B 282 2.18 -2.82 -23.28
C VAL B 282 2.50 -3.16 -21.84
N ARG B 283 3.03 -4.34 -21.60
CA ARG B 283 3.21 -4.83 -20.24
C ARG B 283 4.07 -3.87 -19.41
N ASP B 284 5.11 -3.32 -20.01
CA ASP B 284 6.03 -2.46 -19.28
C ASP B 284 5.41 -1.13 -18.84
N TYR B 285 4.25 -0.76 -19.38
CA TYR B 285 3.55 0.44 -18.93
C TYR B 285 2.50 0.15 -17.86
N LEU B 286 2.26 -1.12 -17.55
CA LEU B 286 1.29 -1.46 -16.53
C LEU B 286 1.89 -1.28 -15.14
N ILE B 287 1.09 -0.74 -14.23
CA ILE B 287 1.44 -0.64 -12.82
C ILE B 287 0.35 -1.36 -12.04
N PRO B 288 0.67 -2.45 -11.36
CA PRO B 288 -0.35 -3.13 -10.56
C PRO B 288 -0.70 -2.31 -9.33
N SER B 289 -1.86 -2.59 -8.76
CA SER B 289 -2.24 -1.82 -7.58
C SER B 289 -2.39 -2.75 -6.39
N HIS B 290 -3.52 -3.44 -6.29
CA HIS B 290 -3.80 -4.27 -5.13
C HIS B 290 -3.97 -5.72 -5.56
N LEU B 291 -3.81 -6.61 -4.59
CA LEU B 291 -4.06 -8.03 -4.81
C LEU B 291 -5.55 -8.27 -4.63
N SER B 292 -6.28 -8.34 -5.74
CA SER B 292 -7.72 -8.58 -5.69
C SER B 292 -8.00 -9.88 -4.93
N ALA B 293 -9.05 -9.87 -4.11
CA ALA B 293 -9.45 -11.06 -3.37
C ALA B 293 -10.20 -12.06 -4.24
N GLU B 294 -10.39 -11.75 -5.52
CA GLU B 294 -11.06 -12.69 -6.43
C GLU B 294 -10.22 -13.96 -6.57
N LYS B 295 -10.91 -15.09 -6.71
CA LYS B 295 -10.25 -16.39 -6.69
C LYS B 295 -9.20 -16.51 -7.79
N GLY B 296 -9.52 -16.08 -9.00
CA GLY B 296 -8.60 -16.19 -10.11
C GLY B 296 -7.57 -15.09 -10.22
N ALA B 297 -7.48 -14.21 -9.23
CA ALA B 297 -6.55 -13.09 -9.32
C ALA B 297 -5.09 -13.56 -9.39
N VAL B 298 -4.73 -14.56 -8.59
CA VAL B 298 -3.33 -15.00 -8.52
C VAL B 298 -2.88 -15.57 -9.87
N ILE B 299 -3.71 -16.41 -10.48
CA ILE B 299 -3.35 -17.01 -11.76
C ILE B 299 -3.18 -15.93 -12.83
N ALA B 300 -4.10 -14.96 -12.87
CA ALA B 300 -3.99 -13.90 -13.85
C ALA B 300 -2.72 -13.07 -13.63
N LEU B 301 -2.45 -12.71 -12.37
CA LEU B 301 -1.27 -11.91 -12.07
C LEU B 301 0.01 -12.68 -12.37
N ASN B 302 0.00 -13.99 -12.13
CA ASN B 302 1.17 -14.81 -12.44
C ASN B 302 1.47 -14.81 -13.93
N HIS B 303 0.42 -14.83 -14.76
CA HIS B 303 0.63 -14.82 -16.20
C HIS B 303 1.01 -13.43 -16.70
N LEU B 304 0.60 -12.38 -16.01
CA LEU B 304 1.10 -11.05 -16.33
C LEU B 304 2.47 -10.79 -15.75
N GLN B 305 2.96 -11.67 -14.86
CA GLN B 305 4.20 -11.47 -14.13
C GLN B 305 4.23 -10.12 -13.42
N LEU B 306 3.14 -9.80 -12.72
CA LEU B 306 3.05 -8.59 -11.92
C LEU B 306 2.79 -8.95 -10.46
N GLU B 307 3.37 -8.18 -9.55
CA GLU B 307 3.11 -8.34 -8.13
C GLU B 307 2.54 -7.05 -7.56
N PRO B 308 1.28 -7.04 -7.14
CA PRO B 308 0.68 -5.79 -6.65
C PRO B 308 1.33 -5.32 -5.36
N TYR B 309 1.17 -4.03 -5.08
CA TYR B 309 1.77 -3.43 -3.90
C TYR B 309 0.88 -3.50 -2.68
N LEU B 310 -0.45 -3.52 -2.86
CA LEU B 310 -1.40 -3.33 -1.78
C LEU B 310 -2.12 -4.64 -1.45
N GLN B 311 -2.10 -5.02 -0.17
CA GLN B 311 -2.84 -6.17 0.34
C GLN B 311 -4.04 -5.64 1.12
N MET B 312 -5.12 -5.33 0.39
CA MET B 312 -6.30 -4.71 1.00
C MET B 312 -7.49 -5.64 1.08
N GLY B 313 -7.38 -6.86 0.59
CA GLY B 313 -8.51 -7.77 0.56
C GLY B 313 -9.72 -7.19 -0.14
N MET B 314 -9.49 -6.35 -1.14
CA MET B 314 -10.57 -5.64 -1.83
C MET B 314 -11.07 -6.42 -3.03
N ARG B 315 -12.37 -6.26 -3.31
CA ARG B 315 -12.96 -6.81 -4.52
C ARG B 315 -14.03 -5.90 -5.11
N LEU B 316 -14.09 -4.64 -4.68
CA LEU B 316 -15.11 -3.73 -5.20
C LEU B 316 -14.97 -3.52 -6.69
N GLY B 317 -13.75 -3.31 -7.16
CA GLY B 317 -13.56 -2.91 -8.54
C GLY B 317 -13.84 -1.43 -8.70
N GLU B 318 -14.35 -1.05 -9.88
CA GLU B 318 -14.72 0.31 -10.25
C GLU B 318 -13.51 1.22 -10.36
N GLY B 319 -12.29 0.71 -10.21
CA GLY B 319 -11.11 1.53 -10.19
C GLY B 319 -10.63 1.91 -8.81
N SER B 320 -11.29 1.42 -7.76
CA SER B 320 -10.97 1.85 -6.40
C SER B 320 -9.53 1.48 -6.01
N GLY B 321 -9.06 0.31 -6.43
CA GLY B 321 -7.70 -0.08 -6.13
C GLY B 321 -6.68 0.74 -6.90
N ALA B 322 -7.00 1.08 -8.15
CA ALA B 322 -6.13 1.96 -8.93
C ALA B 322 -5.95 3.30 -8.24
N ALA B 323 -7.02 3.84 -7.65
CA ALA B 323 -6.92 5.11 -6.94
C ALA B 323 -5.91 5.02 -5.80
N LEU B 324 -5.95 3.93 -5.03
CA LEU B 324 -5.04 3.76 -3.91
C LEU B 324 -3.59 3.71 -4.36
N ALA B 325 -3.32 3.05 -5.49
CA ALA B 325 -1.95 2.95 -5.97
C ALA B 325 -1.42 4.26 -6.51
N MET B 326 -2.30 5.21 -6.83
CA MET B 326 -1.84 6.52 -7.29
C MET B 326 -0.93 7.16 -6.25
N HIS B 327 -1.23 6.94 -4.96
CA HIS B 327 -0.37 7.45 -3.91
C HIS B 327 1.06 6.93 -4.06
N LEU B 328 1.21 5.68 -4.48
CA LEU B 328 2.54 5.10 -4.59
C LEU B 328 3.29 5.68 -5.79
N VAL B 329 2.58 5.91 -6.89
CA VAL B 329 3.19 6.58 -8.03
C VAL B 329 3.68 7.97 -7.63
N ASP B 330 2.81 8.72 -6.94
CA ASP B 330 3.18 10.02 -6.38
C ASP B 330 4.42 9.92 -5.50
N ALA B 331 4.43 8.94 -4.59
CA ALA B 331 5.53 8.84 -3.63
C ALA B 331 6.84 8.45 -4.31
N ALA B 332 6.78 7.56 -5.29
CA ALA B 332 7.99 7.18 -6.01
C ALA B 332 8.61 8.40 -6.69
N CYS B 333 7.79 9.25 -7.30
CA CYS B 333 8.32 10.43 -7.98
C CYS B 333 8.82 11.46 -6.98
N ALA B 334 8.13 11.62 -5.85
CA ALA B 334 8.58 12.54 -4.82
C ALA B 334 9.94 12.12 -4.27
N MET B 335 10.10 10.82 -3.99
CA MET B 335 11.41 10.31 -3.58
C MET B 335 12.47 10.63 -4.63
N TYR B 336 12.17 10.31 -5.89
CA TYR B 336 13.16 10.48 -6.95
C TYR B 336 13.53 11.95 -7.13
N ASN B 337 12.53 12.84 -7.06
CA ASN B 337 12.78 14.24 -7.37
C ASN B 337 13.35 15.01 -6.18
N ASN B 338 13.00 14.62 -4.94
CA ASN B 338 13.23 15.48 -3.80
C ASN B 338 14.25 14.95 -2.78
N MET B 339 14.54 13.65 -2.77
CA MET B 339 15.53 13.14 -1.83
C MET B 339 16.89 13.76 -2.10
N GLY B 340 17.62 14.04 -1.03
CA GLY B 340 18.93 14.66 -1.17
C GLY B 340 20.01 13.65 -1.51
N SER B 341 21.03 14.14 -2.21
CA SER B 341 22.24 13.37 -2.46
C SER B 341 23.44 14.18 -1.97
N LEU B 342 24.62 13.95 -2.55
CA LEU B 342 25.81 14.71 -2.18
C LEU B 342 26.07 15.84 -3.17
#